data_1W3T
#
_entry.id   1W3T
#
_cell.length_a   83.430
_cell.length_b   131.733
_cell.length_c   132.859
_cell.angle_alpha   90.00
_cell.angle_beta   90.00
_cell.angle_gamma   90.00
#
_symmetry.space_group_name_H-M   'P 21 21 21'
#
loop_
_entity.id
_entity.type
_entity.pdbx_description
1 polymer '2-KETO-3-DEOXY GLUCONATE ALDOLASE'
2 non-polymer '3-DEOXY-D-LYXO-HEXONIC ACID'
3 non-polymer 'PYRUVIC ACID'
4 non-polymer D-Glyceraldehyde
5 non-polymer GLYCEROL
6 water water
#
_entity_poly.entity_id   1
_entity_poly.type   'polypeptide(L)'
_entity_poly.pdbx_seq_one_letter_code
;MPEIITPIITPFTKDNRIDKEKLKIHAENLIRKGIDKLFVNGTTGLGPSLSPEEKLENLKAVYDVTNKIIFQVGGLNLDD
AIRLAKLSKDFDIVGIASYAPYYYPRMSEKHLVKYFKTLCEVSPHPVYLYNYPTATGKDIDAKVAKEIGCFTGVKDTIEN
IIHTLDYKRLNPNMLVYSGSDMLIATVASTGLDGNVAAGSNYLPEVTVTIKKLAMERKIDEALKLQFLHDEVIEASRIFG
SLSSNYVLTKYFQGYDLGYPRPPIFPLDDEEERQLIKKVEGIRAKLVELKILKE
;
_entity_poly.pdbx_strand_id   A,B,C,D
#
loop_
_chem_comp.id
_chem_comp.type
_chem_comp.name
_chem_comp.formula
3GR D-saccharide D-Glyceraldehyde 'C3 H6 O3'
GOL non-polymer GLYCEROL 'C3 H8 O3'
PYR non-polymer 'PYRUVIC ACID' 'C3 H4 O3'
RSH non-polymer '3-DEOXY-D-LYXO-HEXONIC ACID' 'C6 H12 O6'
#
# COMPACT_ATOMS: atom_id res chain seq x y z
N PRO A 2 28.10 4.60 -18.03
CA PRO A 2 27.34 4.82 -16.76
C PRO A 2 28.30 5.23 -15.64
N GLU A 3 27.77 5.72 -14.54
CA GLU A 3 28.60 6.27 -13.46
C GLU A 3 28.13 5.71 -12.15
N ILE A 4 29.02 5.64 -11.16
CA ILE A 4 28.63 5.40 -9.78
C ILE A 4 28.75 6.76 -9.09
N ILE A 5 27.64 7.23 -8.52
CA ILE A 5 27.63 8.45 -7.72
C ILE A 5 27.39 8.10 -6.27
N THR A 6 28.16 8.69 -5.34
CA THR A 6 27.98 8.36 -3.91
C THR A 6 27.16 9.40 -3.23
N PRO A 7 26.02 9.03 -2.58
CA PRO A 7 25.30 9.99 -1.74
C PRO A 7 26.08 9.95 -0.44
N ILE A 8 27.00 10.87 -0.29
CA ILE A 8 27.99 10.79 0.77
C ILE A 8 27.41 10.97 2.16
N ILE A 9 27.85 10.14 3.09
CA ILE A 9 27.50 10.21 4.49
C ILE A 9 28.00 11.51 5.09
N THR A 10 27.20 12.09 5.97
CA THR A 10 27.64 13.23 6.77
C THR A 10 28.15 12.73 8.10
N PRO A 11 29.45 12.91 8.40
CA PRO A 11 30.01 12.51 9.69
C PRO A 11 29.74 13.60 10.73
N PHE A 12 29.30 13.22 11.91
CA PHE A 12 28.97 14.20 12.96
C PHE A 12 29.96 13.95 14.09
N THR A 13 30.35 15.03 14.77
CA THR A 13 31.13 14.90 16.01
C THR A 13 30.25 14.40 17.16
N LYS A 14 30.91 14.19 18.30
CA LYS A 14 30.29 13.73 19.54
C LYS A 14 29.22 14.71 20.01
N ASP A 15 29.48 16.00 19.82
CA ASP A 15 28.46 16.99 20.16
C ASP A 15 27.57 17.46 18.95
N ASN A 16 27.40 16.58 17.96
CA ASN A 16 26.37 16.76 16.94
C ASN A 16 26.60 17.95 16.01
N ARG A 17 27.86 18.24 15.70
CA ARG A 17 28.15 19.14 14.62
C ARG A 17 28.73 18.29 13.49
N ILE A 18 28.79 18.86 12.29
CA ILE A 18 29.40 18.17 11.16
C ILE A 18 30.93 18.14 11.29
N ASP A 19 31.50 16.94 11.15
CA ASP A 19 32.96 16.81 11.20
C ASP A 19 33.58 17.05 9.83
N LYS A 20 33.99 18.28 9.59
CA LYS A 20 34.37 18.72 8.24
C LYS A 20 35.58 17.94 7.73
N GLU A 21 36.46 17.58 8.67
CA GLU A 21 37.76 17.02 8.34
C GLU A 21 37.58 15.57 8.02
N LYS A 22 36.76 14.87 8.80
CA LYS A 22 36.41 13.49 8.45
C LYS A 22 35.70 13.40 7.11
N LEU A 23 34.77 14.33 6.86
CA LEU A 23 34.07 14.40 5.58
C LEU A 23 35.07 14.53 4.40
N LYS A 24 36.04 15.41 4.53
CA LYS A 24 37.02 15.61 3.46
C LYS A 24 37.82 14.34 3.18
N ILE A 25 38.25 13.68 4.23
CA ILE A 25 38.97 12.40 4.12
C ILE A 25 38.13 11.35 3.35
N HIS A 26 36.86 11.29 3.71
CA HIS A 26 35.94 10.38 3.07
C HIS A 26 35.75 10.76 1.60
N ALA A 27 35.44 12.01 1.36
CA ALA A 27 35.19 12.43 0.00
C ALA A 27 36.44 12.10 -0.88
N GLU A 28 37.63 12.28 -0.32
CA GLU A 28 38.87 12.15 -1.14
C GLU A 28 39.11 10.69 -1.51
N ASN A 29 38.93 9.81 -0.54
CA ASN A 29 39.01 8.40 -0.80
C ASN A 29 38.01 7.89 -1.86
N LEU A 30 36.75 8.34 -1.79
CA LEU A 30 35.73 7.95 -2.78
C LEU A 30 36.20 8.35 -4.18
N ILE A 31 36.59 9.62 -4.33
CA ILE A 31 37.08 10.08 -5.61
C ILE A 31 38.33 9.29 -6.08
N ARG A 32 39.28 9.07 -5.18
CA ARG A 32 40.48 8.29 -5.59
C ARG A 32 40.16 6.85 -5.95
N LYS A 33 39.05 6.32 -5.42
CA LYS A 33 38.71 4.92 -5.73
C LYS A 33 37.77 4.79 -6.92
N GLY A 34 37.52 5.88 -7.63
CA GLY A 34 36.84 5.81 -8.92
C GLY A 34 35.37 6.26 -8.91
N ILE A 35 34.89 6.81 -7.77
CA ILE A 35 33.51 7.27 -7.76
C ILE A 35 33.46 8.47 -8.68
N ASP A 36 32.42 8.57 -9.54
CA ASP A 36 32.38 9.68 -10.48
C ASP A 36 31.96 11.04 -9.92
N LYS A 37 30.97 11.05 -9.02
CA LYS A 37 30.43 12.32 -8.49
C LYS A 37 29.92 12.05 -7.10
N LEU A 38 29.69 13.12 -6.34
CA LEU A 38 29.32 12.93 -4.95
C LEU A 38 27.98 13.66 -4.82
N PHE A 39 26.94 12.95 -4.34
CA PHE A 39 25.64 13.58 -4.12
C PHE A 39 25.62 13.99 -2.64
N VAL A 40 25.59 15.28 -2.40
CA VAL A 40 25.77 15.82 -1.04
C VAL A 40 24.39 16.25 -0.43
N ASN A 41 24.17 15.93 0.85
CA ASN A 41 22.86 16.20 1.51
C ASN A 41 21.70 15.33 1.00
N GLY A 42 21.99 14.13 0.56
CA GLY A 42 20.95 13.20 0.16
C GLY A 42 20.46 12.47 1.40
N THR A 43 19.66 11.42 1.19
CA THR A 43 19.13 10.69 2.32
C THR A 43 20.26 10.11 3.15
N THR A 44 21.23 9.48 2.49
CA THR A 44 22.30 8.80 3.18
C THR A 44 23.12 9.78 4.02
N GLY A 45 23.27 11.01 3.50
CA GLY A 45 23.90 12.14 4.17
C GLY A 45 23.00 12.80 5.24
N LEU A 46 21.81 12.22 5.48
CA LEU A 46 20.84 12.76 6.43
C LEU A 46 20.46 14.20 6.09
N GLY A 47 20.38 14.51 4.80
CA GLY A 47 20.01 15.85 4.35
C GLY A 47 18.77 16.42 5.02
N PRO A 48 17.66 15.65 5.14
CA PRO A 48 16.50 16.17 5.90
C PRO A 48 16.81 16.54 7.35
N SER A 49 17.80 15.94 7.98
CA SER A 49 18.20 16.33 9.34
C SER A 49 19.10 17.61 9.50
N LEU A 50 19.53 18.20 8.39
CA LEU A 50 20.49 19.32 8.36
C LEU A 50 19.74 20.60 8.14
N SER A 51 20.07 21.64 8.91
CA SER A 51 19.56 23.01 8.65
C SER A 51 20.14 23.47 7.32
N PRO A 52 19.58 24.52 6.72
CA PRO A 52 20.18 25.08 5.52
C PRO A 52 21.70 25.42 5.64
N GLU A 53 22.07 26.01 6.77
CA GLU A 53 23.45 26.37 7.06
C GLU A 53 24.32 25.10 7.07
N GLU A 54 23.80 24.00 7.64
CA GLU A 54 24.57 22.76 7.62
C GLU A 54 24.69 22.19 6.24
N LYS A 55 23.62 22.31 5.44
CA LYS A 55 23.66 21.83 4.04
C LYS A 55 24.74 22.62 3.26
N LEU A 56 24.84 23.90 3.56
CA LEU A 56 25.93 24.72 3.01
C LEU A 56 27.33 24.31 3.51
N GLU A 57 27.49 23.96 4.81
CA GLU A 57 28.78 23.49 5.33
C GLU A 57 29.25 22.25 4.61
N ASN A 58 28.33 21.30 4.36
CA ASN A 58 28.66 20.05 3.68
C ASN A 58 29.21 20.37 2.32
N LEU A 59 28.59 21.32 1.62
CA LEU A 59 29.02 21.60 0.25
C LEU A 59 30.44 22.18 0.32
N LYS A 60 30.63 23.20 1.18
CA LYS A 60 31.94 23.86 1.30
C LYS A 60 33.05 22.84 1.62
N ALA A 61 32.78 21.97 2.58
CA ALA A 61 33.72 20.92 2.92
C ALA A 61 34.02 19.96 1.78
N VAL A 62 33.01 19.41 1.08
CA VAL A 62 33.32 18.46 -0.02
C VAL A 62 34.00 19.24 -1.20
N TYR A 63 33.59 20.47 -1.37
CA TYR A 63 34.13 21.30 -2.43
C TYR A 63 35.65 21.58 -2.27
N ASP A 64 36.16 21.54 -1.05
CA ASP A 64 37.60 21.61 -0.81
C ASP A 64 38.32 20.43 -1.48
N VAL A 65 37.61 19.30 -1.62
CA VAL A 65 38.18 18.10 -2.18
C VAL A 65 37.93 17.95 -3.66
N THR A 66 36.72 18.27 -4.10
CA THR A 66 36.37 18.02 -5.49
C THR A 66 35.27 18.96 -5.93
N ASN A 67 35.20 19.28 -7.22
CA ASN A 67 34.00 19.98 -7.70
C ASN A 67 32.94 19.04 -8.34
N LYS A 68 33.21 17.74 -8.30
CA LYS A 68 32.33 16.72 -8.87
C LYS A 68 31.09 16.50 -7.94
N ILE A 69 30.30 17.54 -7.77
CA ILE A 69 29.29 17.56 -6.72
C ILE A 69 27.89 17.85 -7.27
N ILE A 70 26.93 17.04 -6.78
CA ILE A 70 25.53 17.43 -6.97
C ILE A 70 25.01 17.83 -5.59
N PHE A 71 24.49 19.04 -5.49
CA PHE A 71 24.23 19.66 -4.21
C PHE A 71 22.75 19.63 -3.93
N GLN A 72 22.34 18.85 -2.94
CA GLN A 72 20.88 18.71 -2.64
C GLN A 72 20.45 19.82 -1.71
N VAL A 73 19.38 20.54 -2.06
CA VAL A 73 19.01 21.76 -1.37
C VAL A 73 17.55 21.84 -0.89
N GLY A 74 16.78 20.76 -1.12
CA GLY A 74 15.38 20.77 -0.82
C GLY A 74 14.98 20.84 0.65
N GLY A 75 13.74 21.23 0.90
CA GLY A 75 13.18 21.20 2.24
C GLY A 75 11.79 21.78 2.25
N LEU A 76 11.27 22.01 3.44
CA LEU A 76 9.88 22.46 3.60
C LEU A 76 9.78 23.96 3.76
N ASN A 77 10.91 24.64 3.60
CA ASN A 77 10.86 26.09 3.59
C ASN A 77 11.47 26.49 2.25
N LEU A 78 10.61 26.76 1.30
CA LEU A 78 11.09 27.09 -0.05
C LEU A 78 12.06 28.31 -0.11
N ASP A 79 11.86 29.32 0.75
CA ASP A 79 12.80 30.46 0.76
C ASP A 79 14.21 29.96 1.02
N ASP A 80 14.37 29.05 1.98
CA ASP A 80 15.70 28.48 2.25
C ASP A 80 16.28 27.69 1.08
N ALA A 81 15.44 26.90 0.39
CA ALA A 81 15.93 26.10 -0.75
C ALA A 81 16.43 27.03 -1.87
N ILE A 82 15.66 28.09 -2.10
CA ILE A 82 15.98 29.08 -3.16
C ILE A 82 17.29 29.74 -2.74
N ARG A 83 17.41 30.08 -1.46
CA ARG A 83 18.66 30.71 -0.93
C ARG A 83 19.87 29.80 -1.16
N LEU A 84 19.72 28.49 -0.87
CA LEU A 84 20.84 27.56 -1.14
C LEU A 84 21.16 27.45 -2.61
N ALA A 85 20.11 27.35 -3.43
CA ALA A 85 20.31 27.26 -4.87
C ALA A 85 21.15 28.46 -5.41
N LYS A 86 20.81 29.65 -4.94
CA LYS A 86 21.50 30.88 -5.33
C LYS A 86 22.93 30.91 -4.82
N LEU A 87 23.16 30.54 -3.56
CA LEU A 87 24.51 30.44 -3.03
C LEU A 87 25.44 29.48 -3.79
N SER A 88 24.88 28.48 -4.45
CA SER A 88 25.74 27.51 -5.15
C SER A 88 26.41 28.12 -6.40
N LYS A 89 26.06 29.36 -6.74
CA LYS A 89 26.60 30.02 -7.96
C LYS A 89 28.11 30.19 -7.86
N ASP A 90 28.66 30.33 -6.68
CA ASP A 90 30.12 30.51 -6.64
C ASP A 90 30.86 29.22 -6.58
N PHE A 91 30.17 28.09 -6.79
CA PHE A 91 30.83 26.80 -6.76
C PHE A 91 30.65 26.24 -8.17
N ASP A 92 31.76 25.84 -8.78
CA ASP A 92 31.75 25.26 -10.12
C ASP A 92 31.42 23.77 -10.01
N ILE A 93 30.16 23.44 -9.70
CA ILE A 93 29.74 22.05 -9.41
C ILE A 93 28.95 21.46 -10.56
N VAL A 94 28.62 20.19 -10.48
CA VAL A 94 27.84 19.55 -11.54
C VAL A 94 26.38 20.04 -11.56
N GLY A 95 25.76 20.19 -10.39
CA GLY A 95 24.36 20.56 -10.39
C GLY A 95 23.83 20.66 -8.98
N ILE A 96 22.61 21.19 -8.85
CA ILE A 96 21.90 21.13 -7.57
C ILE A 96 20.80 20.06 -7.71
N ALA A 97 20.18 19.69 -6.59
CA ALA A 97 19.09 18.73 -6.62
C ALA A 97 18.09 19.00 -5.54
N SER A 98 16.87 18.47 -5.70
CA SER A 98 15.91 18.47 -4.62
C SER A 98 15.07 17.19 -4.71
N TYR A 99 14.78 16.61 -3.56
CA TYR A 99 13.64 15.71 -3.40
C TYR A 99 12.37 16.54 -3.32
N ALA A 100 11.23 15.87 -3.46
CA ALA A 100 9.95 16.51 -3.38
C ALA A 100 9.73 16.92 -1.91
N PRO A 101 8.89 17.93 -1.70
CA PRO A 101 8.53 18.30 -0.33
C PRO A 101 7.95 17.07 0.38
N TYR A 102 8.43 16.75 1.56
CA TYR A 102 8.12 15.49 2.19
C TYR A 102 7.11 15.73 3.34
N TYR A 103 6.81 14.66 4.09
CA TYR A 103 5.86 14.70 5.21
C TYR A 103 4.38 14.91 4.77
N TYR A 104 4.04 16.08 4.22
CA TYR A 104 2.64 16.40 4.04
C TYR A 104 2.05 15.52 2.95
N PRO A 105 1.02 14.73 3.24
CA PRO A 105 0.46 13.85 2.20
C PRO A 105 -0.45 14.62 1.26
N ARG A 106 -0.66 14.05 0.10
CA ARG A 106 -1.70 14.55 -0.81
C ARG A 106 -1.51 16.03 -1.24
N MET A 107 -0.28 16.40 -1.55
CA MET A 107 -0.04 17.72 -2.14
C MET A 107 -0.38 17.58 -3.61
N SER A 108 -1.02 18.58 -4.21
CA SER A 108 -1.46 18.45 -5.61
C SER A 108 -0.28 18.49 -6.57
N GLU A 109 -0.45 17.87 -7.73
CA GLU A 109 0.52 17.90 -8.78
C GLU A 109 0.89 19.37 -9.10
N LYS A 110 -0.11 20.25 -9.11
CA LYS A 110 0.15 21.65 -9.38
C LYS A 110 1.16 22.26 -8.38
N HIS A 111 0.96 22.01 -7.09
CA HIS A 111 1.90 22.55 -6.10
C HIS A 111 3.32 21.98 -6.22
N LEU A 112 3.43 20.69 -6.57
CA LEU A 112 4.70 19.98 -6.65
C LEU A 112 5.46 20.52 -7.87
N VAL A 113 4.72 20.72 -8.96
CA VAL A 113 5.31 21.27 -10.15
C VAL A 113 5.80 22.71 -9.83
N LYS A 114 5.00 23.49 -9.13
CA LYS A 114 5.43 24.84 -8.88
C LYS A 114 6.70 24.83 -8.02
N TYR A 115 6.74 23.94 -7.03
CA TYR A 115 7.93 23.86 -6.19
C TYR A 115 9.19 23.64 -7.04
N PHE A 116 9.16 22.66 -7.90
CA PHE A 116 10.37 22.34 -8.63
C PHE A 116 10.66 23.42 -9.71
N LYS A 117 9.63 23.97 -10.35
CA LYS A 117 9.88 25.03 -11.34
C LYS A 117 10.47 26.26 -10.70
N THR A 118 10.07 26.55 -9.47
CA THR A 118 10.65 27.65 -8.75
C THR A 118 12.15 27.45 -8.48
N LEU A 119 12.56 26.21 -8.15
CA LEU A 119 13.96 25.93 -7.98
C LEU A 119 14.71 26.09 -9.28
N CYS A 120 14.17 25.54 -10.34
CA CYS A 120 14.87 25.67 -11.64
C CYS A 120 15.07 27.14 -12.06
N GLU A 121 14.07 27.97 -11.78
CA GLU A 121 14.10 29.37 -12.21
C GLU A 121 15.15 30.15 -11.48
N VAL A 122 15.52 29.75 -10.27
CA VAL A 122 16.63 30.46 -9.60
C VAL A 122 17.98 29.74 -9.65
N SER A 123 18.05 28.58 -10.30
CA SER A 123 19.28 27.79 -10.17
C SER A 123 20.38 28.26 -11.11
N PRO A 124 21.59 28.46 -10.61
CA PRO A 124 22.71 28.83 -11.51
C PRO A 124 23.41 27.59 -12.08
N HIS A 125 22.87 26.39 -11.84
CA HIS A 125 23.45 25.15 -12.28
C HIS A 125 22.31 24.21 -12.80
N PRO A 126 22.64 23.20 -13.59
CA PRO A 126 21.69 22.11 -13.91
C PRO A 126 21.01 21.58 -12.61
N VAL A 127 19.72 21.23 -12.75
CA VAL A 127 18.88 20.71 -11.66
C VAL A 127 18.58 19.24 -11.84
N TYR A 128 18.79 18.51 -10.76
CA TYR A 128 18.49 17.09 -10.75
C TYR A 128 17.27 16.82 -9.87
N LEU A 129 16.37 15.99 -10.39
CA LEU A 129 15.21 15.54 -9.63
C LEU A 129 15.70 14.37 -8.72
N TYR A 130 15.44 14.45 -7.43
CA TYR A 130 15.65 13.27 -6.56
C TYR A 130 14.25 12.71 -6.26
N ASN A 131 13.88 11.61 -6.93
CA ASN A 131 12.57 11.04 -6.74
C ASN A 131 12.66 9.90 -5.74
N TYR A 132 11.98 10.05 -4.58
CA TYR A 132 12.03 8.99 -3.57
C TYR A 132 10.64 8.83 -2.89
N PRO A 133 9.73 8.13 -3.55
CA PRO A 133 8.34 8.13 -3.15
C PRO A 133 8.12 7.60 -1.76
N THR A 134 8.81 6.52 -1.39
CA THR A 134 8.66 5.98 -0.06
C THR A 134 9.04 7.03 1.00
N ALA A 135 10.17 7.72 0.85
CA ALA A 135 10.52 8.69 1.92
C ALA A 135 9.65 9.94 1.85
N THR A 136 9.35 10.44 0.65
CA THR A 136 8.73 11.77 0.60
C THR A 136 7.19 11.68 0.62
N GLY A 137 6.68 10.49 0.34
CA GLY A 137 5.24 10.31 0.26
C GLY A 137 4.69 10.70 -1.10
N LYS A 138 5.53 11.07 -2.06
CA LYS A 138 4.98 11.34 -3.40
C LYS A 138 5.88 10.98 -4.55
N ASP A 139 5.29 10.90 -5.72
CA ASP A 139 6.02 10.38 -6.83
C ASP A 139 6.11 11.44 -7.88
N ILE A 140 7.30 11.81 -8.29
CA ILE A 140 7.43 12.70 -9.44
C ILE A 140 7.92 11.84 -10.62
N ASP A 141 6.95 11.24 -11.28
CA ASP A 141 7.22 10.28 -12.35
C ASP A 141 7.68 10.95 -13.65
N ALA A 142 7.97 10.13 -14.66
CA ALA A 142 8.56 10.59 -15.92
C ALA A 142 7.62 11.65 -16.60
N LYS A 143 6.32 11.44 -16.49
CA LYS A 143 5.32 12.39 -17.03
C LYS A 143 5.40 13.71 -16.34
N VAL A 144 5.42 13.68 -14.99
CA VAL A 144 5.47 14.92 -14.23
C VAL A 144 6.84 15.60 -14.44
N ALA A 145 7.92 14.81 -14.45
CA ALA A 145 9.26 15.35 -14.74
C ALA A 145 9.25 16.08 -16.08
N LYS A 146 8.62 15.46 -17.08
CA LYS A 146 8.52 16.07 -18.42
C LYS A 146 7.78 17.42 -18.37
N GLU A 147 6.68 17.46 -17.63
CA GLU A 147 5.89 18.66 -17.44
C GLU A 147 6.68 19.77 -16.73
N ILE A 148 7.41 19.43 -15.66
CA ILE A 148 8.26 20.43 -15.01
C ILE A 148 9.24 20.93 -16.06
N GLY A 149 9.84 20.01 -16.82
CA GLY A 149 10.54 20.34 -18.04
C GLY A 149 11.93 20.97 -17.94
N CYS A 150 12.56 20.97 -16.79
CA CYS A 150 13.85 21.64 -16.68
C CYS A 150 14.93 20.78 -16.03
N PHE A 151 14.66 19.51 -15.81
CA PHE A 151 15.66 18.64 -15.17
C PHE A 151 16.71 18.19 -16.17
N THR A 152 17.96 18.22 -15.77
CA THR A 152 19.06 17.60 -16.51
C THR A 152 19.18 16.12 -16.22
N GLY A 153 18.73 15.73 -15.02
CA GLY A 153 18.87 14.33 -14.60
C GLY A 153 17.88 13.97 -13.51
N VAL A 154 17.82 12.67 -13.23
CA VAL A 154 16.97 12.19 -12.18
C VAL A 154 17.65 11.05 -11.46
N LYS A 155 17.52 11.08 -10.14
CA LYS A 155 17.79 9.92 -9.29
C LYS A 155 16.48 9.33 -8.86
N ASP A 156 16.24 8.07 -9.22
CA ASP A 156 14.94 7.42 -8.95
C ASP A 156 15.18 6.28 -7.95
N THR A 157 14.73 6.47 -6.71
CA THR A 157 14.90 5.44 -5.68
C THR A 157 13.54 4.83 -5.56
N ILE A 158 13.41 3.66 -6.13
CA ILE A 158 12.17 2.93 -6.27
C ILE A 158 12.66 1.53 -6.73
N GLU A 159 12.00 0.46 -6.32
CA GLU A 159 12.50 -0.89 -6.74
C GLU A 159 12.11 -1.25 -8.25
N ASN A 160 11.10 -0.51 -8.72
CA ASN A 160 10.48 -0.63 -10.05
C ASN A 160 11.30 -0.01 -11.18
N ILE A 161 12.03 -0.84 -11.88
CA ILE A 161 12.87 -0.34 -12.97
C ILE A 161 12.09 0.12 -14.20
N ILE A 162 10.83 -0.32 -14.35
CA ILE A 162 9.98 0.17 -15.41
C ILE A 162 9.78 1.68 -15.21
N HIS A 163 9.51 2.07 -13.99
CA HIS A 163 9.35 3.49 -13.63
C HIS A 163 10.62 4.27 -14.02
N THR A 164 11.77 3.71 -13.68
CA THR A 164 13.05 4.36 -13.94
C THR A 164 13.27 4.45 -15.46
N LEU A 165 13.03 3.35 -16.17
CA LEU A 165 13.19 3.36 -17.62
C LEU A 165 12.27 4.40 -18.24
N ASP A 166 11.11 4.64 -17.62
CA ASP A 166 10.17 5.58 -18.24
C ASP A 166 10.76 6.99 -18.36
N TYR A 167 11.61 7.40 -17.41
CA TYR A 167 12.23 8.74 -17.53
C TYR A 167 12.99 8.90 -18.85
N LYS A 168 13.70 7.86 -19.22
CA LYS A 168 14.51 7.89 -20.43
C LYS A 168 13.60 7.80 -21.66
N ARG A 169 12.57 6.96 -21.58
CA ARG A 169 11.54 6.92 -22.61
C ARG A 169 10.86 8.27 -22.90
N LEU A 170 10.37 8.96 -21.88
CA LEU A 170 9.72 10.25 -22.12
C LEU A 170 10.67 11.47 -22.12
N ASN A 171 11.90 11.30 -21.64
CA ASN A 171 12.84 12.43 -21.64
C ASN A 171 14.16 11.92 -22.21
N PRO A 172 14.21 11.72 -23.54
CA PRO A 172 15.37 11.13 -24.19
C PRO A 172 16.72 11.74 -23.81
N ASN A 173 16.80 13.01 -23.47
CA ASN A 173 18.09 13.65 -23.18
C ASN A 173 18.49 13.63 -21.70
N MET A 174 17.55 13.21 -20.85
CA MET A 174 17.75 13.24 -19.40
C MET A 174 18.69 12.15 -18.97
N LEU A 175 19.60 12.54 -18.09
CA LEU A 175 20.43 11.58 -17.41
C LEU A 175 19.57 10.84 -16.33
N VAL A 176 19.65 9.51 -16.33
CA VAL A 176 18.72 8.73 -15.50
C VAL A 176 19.49 7.73 -14.68
N TYR A 177 19.50 7.96 -13.36
CA TYR A 177 20.23 7.08 -12.41
C TYR A 177 19.24 6.34 -11.55
N SER A 178 19.60 5.13 -11.12
CA SER A 178 18.80 4.43 -10.11
C SER A 178 19.38 4.72 -8.74
N GLY A 179 18.53 4.78 -7.73
CA GLY A 179 18.99 5.00 -6.36
C GLY A 179 19.26 3.66 -5.67
N SER A 180 19.39 2.58 -6.43
CA SER A 180 19.63 1.27 -5.80
C SER A 180 21.05 0.73 -5.89
N ASP A 181 21.59 0.18 -4.81
CA ASP A 181 22.83 -0.60 -4.88
C ASP A 181 22.63 -1.97 -5.57
N MET A 182 21.42 -2.52 -5.49
CA MET A 182 21.16 -3.84 -5.98
C MET A 182 21.00 -3.92 -7.50
N LEU A 183 20.90 -2.74 -8.12
CA LEU A 183 20.66 -2.63 -9.56
C LEU A 183 21.85 -2.11 -10.39
N ILE A 184 23.04 -2.13 -9.82
CA ILE A 184 24.23 -1.66 -10.57
C ILE A 184 24.46 -2.45 -11.85
N ALA A 185 24.48 -3.80 -11.78
CA ALA A 185 24.76 -4.63 -12.96
C ALA A 185 23.65 -4.38 -13.95
N THR A 186 22.42 -4.33 -13.46
CA THR A 186 21.23 -4.24 -14.34
C THR A 186 21.19 -2.91 -15.05
N VAL A 187 21.32 -1.82 -14.27
CA VAL A 187 21.32 -0.47 -14.83
C VAL A 187 22.39 -0.30 -15.92
N ALA A 188 23.59 -0.79 -15.65
CA ALA A 188 24.70 -0.76 -16.64
C ALA A 188 24.42 -1.61 -17.89
N SER A 189 23.69 -2.70 -17.71
N SER A 189 23.69 -2.70 -17.76
CA SER A 189 23.37 -3.61 -18.80
CA SER A 189 23.42 -3.52 -18.93
C SER A 189 22.26 -3.11 -19.71
C SER A 189 22.29 -3.00 -19.79
N THR A 190 21.39 -2.24 -19.19
CA THR A 190 20.12 -1.92 -19.88
C THR A 190 20.08 -0.54 -20.48
N GLY A 191 21.24 0.12 -20.56
CA GLY A 191 21.26 1.44 -21.18
C GLY A 191 20.88 2.65 -20.34
N LEU A 192 20.87 2.51 -19.01
CA LEU A 192 20.65 3.67 -18.17
C LEU A 192 21.99 4.29 -17.74
N ASP A 193 21.94 5.43 -17.03
CA ASP A 193 23.18 6.24 -16.80
C ASP A 193 24.02 5.94 -15.54
N GLY A 194 23.51 5.07 -14.67
CA GLY A 194 24.27 4.54 -13.54
C GLY A 194 23.42 4.64 -12.29
N ASN A 195 24.10 4.68 -11.15
CA ASN A 195 23.47 4.44 -9.87
C ASN A 195 24.02 5.41 -8.88
N VAL A 196 23.13 5.92 -8.03
CA VAL A 196 23.53 6.74 -6.89
C VAL A 196 23.35 5.79 -5.76
N ALA A 197 24.46 5.22 -5.31
CA ALA A 197 24.46 4.02 -4.49
C ALA A 197 24.99 4.22 -3.08
N ALA A 198 24.14 4.06 -2.05
CA ALA A 198 24.57 4.31 -0.66
C ALA A 198 25.76 3.44 -0.32
N GLY A 199 25.72 2.20 -0.80
CA GLY A 199 26.76 1.24 -0.42
C GLY A 199 28.10 1.56 -1.07
N SER A 200 28.12 2.50 -2.01
CA SER A 200 29.41 2.93 -2.52
C SER A 200 30.17 3.77 -1.50
N ASN A 201 29.54 4.15 -0.36
CA ASN A 201 30.29 4.83 0.70
C ASN A 201 31.36 3.92 1.31
N TYR A 202 31.00 2.67 1.48
CA TYR A 202 31.85 1.76 2.23
C TYR A 202 32.51 0.76 1.31
N LEU A 203 31.91 0.52 0.13
CA LEU A 203 32.52 -0.37 -0.85
C LEU A 203 32.62 0.23 -2.25
N PRO A 204 33.27 1.39 -2.39
CA PRO A 204 33.35 2.00 -3.73
C PRO A 204 34.02 1.04 -4.72
N GLU A 205 35.03 0.27 -4.30
CA GLU A 205 35.71 -0.65 -5.23
C GLU A 205 34.74 -1.64 -5.88
N VAL A 206 33.83 -2.19 -5.08
CA VAL A 206 32.87 -3.19 -5.51
C VAL A 206 31.88 -2.55 -6.53
N THR A 207 31.32 -1.39 -6.17
CA THR A 207 30.31 -0.81 -7.03
C THR A 207 30.91 -0.38 -8.38
N VAL A 208 32.15 0.14 -8.36
CA VAL A 208 32.84 0.51 -9.59
C VAL A 208 33.14 -0.75 -10.42
N THR A 209 33.56 -1.84 -9.79
CA THR A 209 33.85 -3.08 -10.50
C THR A 209 32.56 -3.74 -11.06
N ILE A 210 31.44 -3.70 -10.32
CA ILE A 210 30.20 -4.27 -10.90
C ILE A 210 29.86 -3.58 -12.25
N LYS A 211 29.85 -2.26 -12.21
CA LYS A 211 29.65 -1.37 -13.34
C LYS A 211 30.65 -1.74 -14.49
N LYS A 212 31.96 -1.82 -14.20
CA LYS A 212 32.92 -2.12 -15.25
C LYS A 212 32.61 -3.50 -15.86
N LEU A 213 32.40 -4.52 -15.02
CA LEU A 213 32.09 -5.84 -15.55
C LEU A 213 30.86 -5.82 -16.48
N ALA A 214 29.83 -5.09 -16.07
CA ALA A 214 28.61 -5.07 -16.84
C ALA A 214 28.82 -4.33 -18.15
N MET A 215 29.63 -3.27 -18.11
N MET A 215 29.66 -3.30 -18.17
CA MET A 215 29.99 -2.51 -19.33
CA MET A 215 29.91 -2.57 -19.42
C MET A 215 30.71 -3.38 -20.38
C MET A 215 30.86 -3.28 -20.41
N GLU A 216 31.54 -4.30 -19.91
CA GLU A 216 32.33 -5.22 -20.74
C GLU A 216 31.48 -6.46 -21.10
N ARG A 217 30.16 -6.35 -20.89
CA ARG A 217 29.20 -7.44 -21.18
C ARG A 217 29.58 -8.73 -20.50
N LYS A 218 30.21 -8.61 -19.33
CA LYS A 218 30.54 -9.77 -18.52
C LYS A 218 29.44 -9.96 -17.44
N ILE A 219 28.21 -10.29 -17.89
CA ILE A 219 27.05 -10.21 -17.03
C ILE A 219 27.06 -11.29 -15.92
N ASP A 220 27.48 -12.49 -16.24
CA ASP A 220 27.56 -13.54 -15.20
C ASP A 220 28.50 -13.13 -14.06
N GLU A 221 29.66 -12.56 -14.40
CA GLU A 221 30.64 -12.14 -13.37
C GLU A 221 30.12 -10.87 -12.64
N ALA A 222 29.50 -9.97 -13.41
CA ALA A 222 28.87 -8.76 -12.87
C ALA A 222 27.83 -9.17 -11.84
N LEU A 223 27.03 -10.18 -12.16
CA LEU A 223 25.91 -10.56 -11.29
C LEU A 223 26.47 -11.22 -10.04
N LYS A 224 27.51 -12.03 -10.22
CA LYS A 224 28.13 -12.68 -9.08
C LYS A 224 28.60 -11.66 -8.07
N LEU A 225 29.22 -10.59 -8.56
CA LEU A 225 29.73 -9.59 -7.65
C LEU A 225 28.53 -8.74 -7.11
N GLN A 226 27.54 -8.50 -8.00
CA GLN A 226 26.31 -7.80 -7.60
C GLN A 226 25.66 -8.55 -6.43
N PHE A 227 25.60 -9.86 -6.57
CA PHE A 227 24.89 -10.66 -5.56
C PHE A 227 25.67 -10.66 -4.21
N LEU A 228 27.02 -10.56 -4.28
CA LEU A 228 27.76 -10.44 -3.01
C LEU A 228 27.49 -9.10 -2.32
N HIS A 229 27.55 -8.04 -3.10
CA HIS A 229 27.20 -6.74 -2.65
C HIS A 229 25.78 -6.70 -2.02
N ASP A 230 24.82 -7.32 -2.68
CA ASP A 230 23.46 -7.45 -2.13
C ASP A 230 23.46 -7.98 -0.70
N GLU A 231 24.38 -8.90 -0.41
CA GLU A 231 24.41 -9.49 0.91
C GLU A 231 24.91 -8.46 1.93
N VAL A 232 25.81 -7.58 1.52
CA VAL A 232 26.24 -6.53 2.40
C VAL A 232 25.10 -5.54 2.63
N ILE A 233 24.44 -5.14 1.56
CA ILE A 233 23.28 -4.25 1.69
C ILE A 233 22.30 -4.86 2.71
N GLU A 234 21.98 -6.12 2.54
CA GLU A 234 21.04 -6.81 3.43
C GLU A 234 21.50 -6.80 4.89
N ALA A 235 22.79 -7.04 5.12
CA ALA A 235 23.35 -6.97 6.47
C ALA A 235 23.21 -5.59 7.11
N SER A 236 23.49 -4.55 6.32
CA SER A 236 23.37 -3.19 6.81
C SER A 236 21.92 -2.83 7.25
N ARG A 237 20.94 -3.56 6.73
CA ARG A 237 19.50 -3.28 7.11
C ARG A 237 19.07 -3.92 8.46
N ILE A 238 19.86 -4.88 8.93
CA ILE A 238 19.52 -5.58 10.15
C ILE A 238 19.35 -4.58 11.29
N PHE A 239 20.29 -3.66 11.47
CA PHE A 239 20.18 -2.76 12.59
C PHE A 239 19.77 -1.38 12.14
N GLY A 240 19.53 -1.22 10.84
CA GLY A 240 19.18 0.06 10.25
C GLY A 240 20.31 0.58 9.41
N SER A 241 19.99 0.78 8.12
CA SER A 241 21.05 0.99 7.14
C SER A 241 21.78 2.30 7.35
N LEU A 242 21.05 3.37 7.72
CA LEU A 242 21.62 4.71 7.77
C LEU A 242 22.65 4.78 8.90
N SER A 243 22.36 4.12 10.02
CA SER A 243 23.30 3.93 11.15
C SER A 243 24.46 2.95 10.79
N SER A 244 24.08 1.83 10.21
CA SER A 244 25.03 0.79 9.79
C SER A 244 26.09 1.24 8.77
N ASN A 245 25.73 2.19 7.90
CA ASN A 245 26.67 2.71 6.91
C ASN A 245 27.98 3.26 7.52
N TYR A 246 27.87 3.89 8.70
CA TYR A 246 29.03 4.43 9.42
C TYR A 246 29.97 3.25 9.79
N VAL A 247 29.39 2.22 10.40
CA VAL A 247 30.14 1.08 10.91
C VAL A 247 30.80 0.36 9.71
N LEU A 248 30.06 0.22 8.59
CA LEU A 248 30.64 -0.44 7.44
C LEU A 248 31.75 0.36 6.75
N THR A 249 31.64 1.68 6.72
CA THR A 249 32.69 2.48 6.13
C THR A 249 33.99 2.32 6.91
N LYS A 250 33.92 2.46 8.22
CA LYS A 250 35.06 2.24 9.08
C LYS A 250 35.65 0.84 8.88
N TYR A 251 34.80 -0.19 8.87
CA TYR A 251 35.27 -1.56 8.66
C TYR A 251 35.96 -1.75 7.31
N PHE A 252 35.30 -1.35 6.21
CA PHE A 252 35.83 -1.66 4.87
C PHE A 252 36.89 -0.62 4.44
N GLN A 253 36.72 0.63 4.85
CA GLN A 253 37.62 1.66 4.34
C GLN A 253 38.71 2.07 5.32
N GLY A 254 38.56 1.77 6.60
CA GLY A 254 39.67 1.93 7.51
C GLY A 254 39.63 3.18 8.38
N TYR A 255 38.86 4.20 8.03
CA TYR A 255 38.79 5.41 8.83
C TYR A 255 37.34 5.54 9.35
N ASP A 256 37.12 6.24 10.46
CA ASP A 256 35.74 6.43 10.94
C ASP A 256 35.11 7.72 10.45
N LEU A 257 33.78 7.71 10.47
CA LEU A 257 32.98 8.84 10.03
C LEU A 257 32.19 9.31 11.22
N GLY A 258 32.70 9.01 12.44
CA GLY A 258 32.14 9.64 13.64
C GLY A 258 30.74 9.09 13.89
N TYR A 259 29.79 9.98 14.14
CA TYR A 259 28.43 9.55 14.56
C TYR A 259 27.40 10.01 13.53
N PRO A 260 26.27 9.32 13.40
CA PRO A 260 25.10 9.87 12.71
C PRO A 260 24.40 10.90 13.61
N ARG A 261 23.32 11.50 13.17
CA ARG A 261 22.57 12.44 14.01
C ARG A 261 21.29 11.77 14.57
N PRO A 262 21.16 11.56 15.91
CA PRO A 262 19.89 11.04 16.52
C PRO A 262 18.70 11.92 16.11
N PRO A 263 17.55 11.33 15.75
CA PRO A 263 17.16 9.91 15.96
C PRO A 263 17.69 8.78 15.06
N ILE A 264 18.63 9.10 14.18
CA ILE A 264 19.42 8.06 13.53
C ILE A 264 20.55 7.75 14.53
N PHE A 265 20.33 6.76 15.38
CA PHE A 265 21.26 6.53 16.51
C PHE A 265 22.41 5.60 16.07
N PRO A 266 23.59 5.76 16.65
CA PRO A 266 24.73 4.96 16.24
C PRO A 266 24.52 3.53 16.71
N LEU A 267 25.08 2.57 15.99
CA LEU A 267 25.00 1.22 16.49
C LEU A 267 25.77 1.14 17.84
N ASP A 268 25.32 0.30 18.76
CA ASP A 268 26.14 0.11 19.97
C ASP A 268 27.27 -0.93 19.69
N ASP A 269 28.12 -1.17 20.70
CA ASP A 269 29.21 -2.16 20.52
C ASP A 269 28.75 -3.54 20.11
N GLU A 270 27.73 -4.07 20.74
CA GLU A 270 27.23 -5.41 20.36
C GLU A 270 26.68 -5.54 18.90
N GLU A 271 25.90 -4.53 18.51
CA GLU A 271 25.35 -4.44 17.18
C GLU A 271 26.51 -4.31 16.18
N GLU A 272 27.44 -3.42 16.47
CA GLU A 272 28.64 -3.35 15.61
C GLU A 272 29.35 -4.71 15.44
N ARG A 273 29.45 -5.50 16.52
CA ARG A 273 30.14 -6.78 16.51
C ARG A 273 29.33 -7.77 15.72
N GLN A 274 28.03 -7.82 15.98
CA GLN A 274 27.17 -8.65 15.16
C GLN A 274 27.18 -8.31 13.66
N LEU A 275 27.24 -7.03 13.33
CA LEU A 275 27.19 -6.59 11.92
C LEU A 275 28.47 -7.05 11.21
N ILE A 276 29.61 -6.74 11.84
CA ILE A 276 30.91 -7.24 11.34
C ILE A 276 30.94 -8.77 11.10
N LYS A 277 30.31 -9.56 11.97
CA LYS A 277 30.30 -11.03 11.82
C LYS A 277 29.53 -11.36 10.57
N LYS A 278 28.53 -10.52 10.30
CA LYS A 278 27.69 -10.80 9.15
C LYS A 278 28.45 -10.53 7.86
N VAL A 279 29.43 -9.63 7.89
CA VAL A 279 30.09 -9.23 6.62
C VAL A 279 31.56 -9.74 6.49
N GLU A 280 32.05 -10.35 7.57
CA GLU A 280 33.40 -10.90 7.66
C GLU A 280 33.72 -11.83 6.48
N GLY A 281 32.92 -12.88 6.29
CA GLY A 281 33.10 -13.85 5.18
C GLY A 281 33.10 -13.19 3.80
N ILE A 282 32.25 -12.17 3.64
CA ILE A 282 32.21 -11.36 2.42
C ILE A 282 33.50 -10.56 2.23
N ARG A 283 33.96 -9.88 3.28
CA ARG A 283 35.20 -9.16 3.12
C ARG A 283 36.32 -10.12 2.63
N ALA A 284 36.31 -11.35 3.17
CA ALA A 284 37.34 -12.34 2.83
C ALA A 284 37.27 -12.74 1.35
N LYS A 285 36.04 -13.02 0.85
CA LYS A 285 35.82 -13.32 -0.56
C LYS A 285 36.27 -12.15 -1.45
N LEU A 286 35.98 -10.90 -1.06
CA LEU A 286 36.41 -9.73 -1.85
C LEU A 286 37.94 -9.61 -1.93
N VAL A 287 38.61 -9.85 -0.81
CA VAL A 287 40.09 -9.81 -0.69
C VAL A 287 40.71 -10.85 -1.64
N GLU A 288 40.14 -12.06 -1.63
CA GLU A 288 40.59 -13.13 -2.48
C GLU A 288 40.26 -12.96 -3.99
N LEU A 289 39.24 -12.14 -4.32
CA LEU A 289 38.94 -11.78 -5.71
C LEU A 289 39.79 -10.61 -6.15
N LYS A 290 40.62 -10.14 -5.22
CA LYS A 290 41.49 -9.00 -5.43
C LYS A 290 40.73 -7.69 -5.68
N ILE A 291 39.48 -7.63 -5.21
CA ILE A 291 38.74 -6.39 -5.32
C ILE A 291 39.13 -5.46 -4.20
N LEU A 292 39.32 -6.03 -3.02
CA LEU A 292 39.85 -5.31 -1.89
C LEU A 292 41.21 -5.90 -1.57
N LYS A 293 42.04 -5.09 -0.95
CA LYS A 293 43.28 -5.52 -0.30
C LYS A 293 43.05 -5.66 1.21
N GLU A 294 43.88 -6.45 1.88
CA GLU A 294 43.84 -6.54 3.36
C GLU A 294 44.31 -5.25 4.07
N PRO B 2 -29.63 -2.37 15.87
CA PRO B 2 -28.67 -3.04 14.92
C PRO B 2 -28.74 -4.56 15.02
N GLU B 3 -28.07 -5.25 14.11
CA GLU B 3 -28.18 -6.70 13.98
C GLU B 3 -26.81 -7.35 14.07
N ILE B 4 -26.76 -8.63 14.47
CA ILE B 4 -25.53 -9.40 14.25
C ILE B 4 -25.89 -10.46 13.20
N ILE B 5 -25.13 -10.47 12.13
CA ILE B 5 -25.37 -11.44 11.09
C ILE B 5 -24.17 -12.37 11.04
N THR B 6 -24.38 -13.70 11.03
CA THR B 6 -23.23 -14.62 10.90
C THR B 6 -22.92 -15.00 9.42
N PRO B 7 -21.70 -14.76 8.99
CA PRO B 7 -21.21 -15.33 7.74
C PRO B 7 -20.81 -16.76 8.13
N ILE B 8 -21.75 -17.64 7.90
CA ILE B 8 -21.67 -18.99 8.44
C ILE B 8 -20.59 -19.85 7.73
N ILE B 9 -19.85 -20.59 8.53
CA ILE B 9 -18.78 -21.49 8.08
C ILE B 9 -19.44 -22.62 7.28
N THR B 10 -18.77 -23.05 6.23
CA THR B 10 -19.24 -24.25 5.54
C THR B 10 -18.40 -25.42 6.01
N PRO B 11 -19.00 -26.39 6.67
CA PRO B 11 -18.25 -27.56 7.12
C PRO B 11 -18.15 -28.55 5.94
N PHE B 12 -16.96 -29.13 5.82
CA PHE B 12 -16.69 -30.09 4.77
C PHE B 12 -16.42 -31.44 5.43
N THR B 13 -16.71 -32.51 4.68
CA THR B 13 -16.43 -33.85 5.16
C THR B 13 -14.96 -34.11 4.93
N LYS B 14 -14.48 -35.26 5.46
CA LYS B 14 -13.13 -35.79 5.20
C LYS B 14 -12.80 -35.84 3.69
N ASP B 15 -13.77 -36.21 2.85
CA ASP B 15 -13.55 -36.22 1.42
C ASP B 15 -14.01 -34.94 0.69
N ASN B 16 -13.95 -33.80 1.39
CA ASN B 16 -14.07 -32.51 0.70
C ASN B 16 -15.43 -32.22 0.07
N ARG B 17 -16.51 -32.71 0.68
CA ARG B 17 -17.85 -32.34 0.24
C ARG B 17 -18.53 -31.53 1.36
N ILE B 18 -19.55 -30.74 1.02
CA ILE B 18 -20.29 -30.04 2.07
C ILE B 18 -20.95 -31.05 3.00
N ASP B 19 -20.75 -30.88 4.30
CA ASP B 19 -21.45 -31.65 5.29
C ASP B 19 -22.74 -30.96 5.72
N LYS B 20 -23.82 -31.30 5.01
CA LYS B 20 -25.11 -30.66 5.19
C LYS B 20 -25.69 -30.80 6.59
N GLU B 21 -25.48 -31.94 7.21
CA GLU B 21 -26.07 -32.10 8.53
C GLU B 21 -25.33 -31.27 9.58
N LYS B 22 -24.00 -31.18 9.49
CA LYS B 22 -23.27 -30.30 10.39
C LYS B 22 -23.63 -28.84 10.20
N LEU B 23 -23.85 -28.44 8.95
CA LEU B 23 -24.19 -27.05 8.64
C LEU B 23 -25.53 -26.72 9.29
N LYS B 24 -26.49 -27.65 9.17
CA LYS B 24 -27.82 -27.42 9.74
C LYS B 24 -27.77 -27.27 11.24
N ILE B 25 -27.00 -28.14 11.90
CA ILE B 25 -26.85 -28.09 13.36
C ILE B 25 -26.29 -26.71 13.78
N HIS B 26 -25.28 -26.23 13.05
CA HIS B 26 -24.61 -24.99 13.36
C HIS B 26 -25.59 -23.82 13.13
N ALA B 27 -26.23 -23.77 11.95
CA ALA B 27 -27.22 -22.78 11.65
C ALA B 27 -28.34 -22.68 12.71
N GLU B 28 -28.88 -23.81 13.10
CA GLU B 28 -29.91 -23.88 14.14
C GLU B 28 -29.40 -23.27 15.45
N ASN B 29 -28.19 -23.66 15.88
CA ASN B 29 -27.62 -23.14 17.10
C ASN B 29 -27.43 -21.63 17.07
N LEU B 30 -27.00 -21.12 15.92
CA LEU B 30 -26.79 -19.65 15.78
C LEU B 30 -28.10 -18.87 15.99
N ILE B 31 -29.13 -19.24 15.22
CA ILE B 31 -30.47 -18.66 15.35
C ILE B 31 -30.98 -18.73 16.82
N ARG B 32 -30.83 -19.89 17.44
CA ARG B 32 -31.21 -20.11 18.85
C ARG B 32 -30.47 -19.26 19.83
N LYS B 33 -29.26 -18.87 19.45
CA LYS B 33 -28.47 -18.01 20.30
C LYS B 33 -28.65 -16.55 19.98
N GLY B 34 -29.58 -16.24 19.10
CA GLY B 34 -29.97 -14.84 18.95
C GLY B 34 -29.40 -14.14 17.72
N ILE B 35 -28.69 -14.88 16.86
CA ILE B 35 -28.17 -14.28 15.63
C ILE B 35 -29.35 -13.88 14.78
N ASP B 36 -29.29 -12.70 14.16
CA ASP B 36 -30.44 -12.22 13.36
C ASP B 36 -30.58 -12.83 11.99
N LYS B 37 -29.47 -12.99 11.25
CA LYS B 37 -29.56 -13.52 9.87
C LYS B 37 -28.29 -14.26 9.61
N LEU B 38 -28.29 -15.08 8.56
CA LEU B 38 -27.08 -15.80 8.17
C LEU B 38 -26.67 -15.38 6.74
N PHE B 39 -25.41 -15.02 6.60
CA PHE B 39 -24.84 -14.60 5.30
C PHE B 39 -24.12 -15.89 4.76
N VAL B 40 -24.64 -16.42 3.66
CA VAL B 40 -24.23 -17.78 3.17
C VAL B 40 -23.33 -17.66 1.96
N ASN B 41 -22.22 -18.40 1.93
CA ASN B 41 -21.18 -18.32 0.87
C ASN B 41 -20.35 -17.05 0.93
N GLY B 42 -20.15 -16.51 2.15
CA GLY B 42 -19.23 -15.38 2.32
C GLY B 42 -17.78 -15.85 2.46
N THR B 43 -16.89 -14.94 2.78
CA THR B 43 -15.51 -15.33 2.94
C THR B 43 -15.37 -16.43 4.00
N THR B 44 -15.97 -16.19 5.15
CA THR B 44 -15.88 -17.15 6.23
C THR B 44 -16.43 -18.53 5.85
N GLY B 45 -17.43 -18.55 4.99
CA GLY B 45 -17.91 -19.82 4.47
C GLY B 45 -17.14 -20.35 3.26
N LEU B 46 -16.00 -19.71 2.91
CA LEU B 46 -15.17 -20.10 1.74
C LEU B 46 -15.93 -20.04 0.42
N GLY B 47 -16.80 -19.07 0.28
CA GLY B 47 -17.57 -18.98 -0.94
C GLY B 47 -16.74 -19.02 -2.21
N PRO B 48 -15.62 -18.25 -2.31
CA PRO B 48 -14.78 -18.32 -3.50
C PRO B 48 -14.23 -19.75 -3.78
N SER B 49 -14.13 -20.62 -2.77
CA SER B 49 -13.71 -22.01 -2.97
C SER B 49 -14.85 -22.96 -3.40
N LEU B 50 -16.08 -22.43 -3.46
CA LEU B 50 -17.24 -23.25 -3.80
C LEU B 50 -17.61 -23.04 -5.26
N SER B 51 -17.96 -24.13 -5.94
CA SER B 51 -18.57 -24.00 -7.29
C SER B 51 -19.98 -23.43 -7.17
N PRO B 52 -20.59 -23.00 -8.29
CA PRO B 52 -21.98 -22.53 -8.24
C PRO B 52 -22.90 -23.56 -7.65
N GLU B 53 -22.72 -24.86 -7.95
CA GLU B 53 -23.58 -25.89 -7.44
C GLU B 53 -23.47 -26.04 -5.91
N GLU B 54 -22.24 -25.91 -5.40
CA GLU B 54 -22.05 -26.00 -3.97
C GLU B 54 -22.67 -24.78 -3.24
N LYS B 55 -22.59 -23.60 -3.87
CA LYS B 55 -23.19 -22.39 -3.31
C LYS B 55 -24.69 -22.59 -3.11
N LEU B 56 -25.30 -23.25 -4.10
CA LEU B 56 -26.73 -23.50 -4.13
C LEU B 56 -27.02 -24.59 -3.10
N GLU B 57 -26.18 -25.60 -3.05
CA GLU B 57 -26.30 -26.62 -1.99
C GLU B 57 -26.24 -25.99 -0.56
N ASN B 58 -25.36 -25.02 -0.34
CA ASN B 58 -25.32 -24.32 0.95
C ASN B 58 -26.66 -23.64 1.24
N LEU B 59 -27.21 -22.96 0.25
CA LEU B 59 -28.49 -22.26 0.41
C LEU B 59 -29.59 -23.26 0.84
N LYS B 60 -29.69 -24.38 0.10
CA LYS B 60 -30.76 -25.35 0.40
C LYS B 60 -30.64 -25.92 1.79
N ALA B 61 -29.41 -26.21 2.24
CA ALA B 61 -29.29 -26.80 3.56
C ALA B 61 -29.61 -25.77 4.59
N VAL B 62 -29.14 -24.53 4.44
CA VAL B 62 -29.45 -23.57 5.46
C VAL B 62 -30.97 -23.22 5.47
N TYR B 63 -31.55 -23.09 4.28
CA TYR B 63 -32.98 -22.84 4.14
C TYR B 63 -33.88 -23.87 4.88
N ASP B 64 -33.40 -25.09 5.06
CA ASP B 64 -34.06 -26.08 5.90
C ASP B 64 -34.26 -25.60 7.35
N VAL B 65 -33.40 -24.67 7.80
CA VAL B 65 -33.42 -24.23 9.20
C VAL B 65 -34.11 -22.87 9.33
N THR B 66 -33.89 -21.99 8.36
CA THR B 66 -34.36 -20.62 8.55
C THR B 66 -34.44 -19.96 7.20
N ASN B 67 -35.38 -19.06 7.05
CA ASN B 67 -35.33 -18.22 5.88
C ASN B 67 -34.58 -16.89 6.02
N LYS B 68 -33.93 -16.70 7.17
CA LYS B 68 -33.24 -15.46 7.46
C LYS B 68 -31.85 -15.50 6.82
N ILE B 69 -31.84 -15.46 5.49
CA ILE B 69 -30.59 -15.78 4.78
C ILE B 69 -30.27 -14.68 3.81
N ILE B 70 -29.00 -14.27 3.79
CA ILE B 70 -28.54 -13.47 2.67
C ILE B 70 -27.59 -14.42 1.86
N PHE B 71 -27.92 -14.62 0.59
CA PHE B 71 -27.31 -15.66 -0.26
C PHE B 71 -26.26 -15.02 -1.13
N GLN B 72 -24.99 -15.28 -0.86
CA GLN B 72 -23.88 -14.70 -1.67
C GLN B 72 -23.66 -15.54 -2.98
N VAL B 73 -23.66 -14.88 -4.14
CA VAL B 73 -23.64 -15.62 -5.40
C VAL B 73 -22.50 -15.26 -6.36
N GLY B 74 -21.61 -14.33 -6.00
CA GLY B 74 -20.72 -13.76 -7.00
C GLY B 74 -19.62 -14.71 -7.45
N GLY B 75 -18.96 -14.36 -8.53
CA GLY B 75 -17.92 -15.23 -9.08
C GLY B 75 -17.31 -14.62 -10.33
N LEU B 76 -16.41 -15.32 -10.99
CA LEU B 76 -15.74 -14.75 -12.20
C LEU B 76 -16.36 -15.23 -13.53
N ASN B 77 -17.46 -15.96 -13.40
CA ASN B 77 -18.31 -16.32 -14.52
C ASN B 77 -19.68 -15.68 -14.23
N LEU B 78 -19.93 -14.55 -14.85
CA LEU B 78 -21.21 -13.80 -14.63
C LEU B 78 -22.47 -14.62 -14.93
N ASP B 79 -22.39 -15.47 -15.96
CA ASP B 79 -23.52 -16.35 -16.25
C ASP B 79 -23.88 -17.22 -15.08
N ASP B 80 -22.88 -17.78 -14.37
CA ASP B 80 -23.15 -18.65 -13.24
C ASP B 80 -23.77 -17.81 -12.09
N ALA B 81 -23.29 -16.56 -11.93
CA ALA B 81 -23.84 -15.71 -10.88
C ALA B 81 -25.31 -15.35 -11.18
N ILE B 82 -25.62 -14.98 -12.42
CA ILE B 82 -26.99 -14.75 -12.86
C ILE B 82 -27.88 -15.99 -12.56
N ARG B 83 -27.37 -17.16 -12.89
CA ARG B 83 -28.07 -18.39 -12.63
C ARG B 83 -28.43 -18.58 -11.15
N LEU B 84 -27.44 -18.38 -10.27
CA LEU B 84 -27.72 -18.50 -8.85
C LEU B 84 -28.74 -17.49 -8.40
N ALA B 85 -28.59 -16.26 -8.91
CA ALA B 85 -29.55 -15.21 -8.56
C ALA B 85 -30.97 -15.64 -8.95
N LYS B 86 -31.15 -16.07 -10.20
CA LYS B 86 -32.49 -16.46 -10.69
C LYS B 86 -33.01 -17.71 -9.93
N LEU B 87 -32.13 -18.68 -9.67
CA LEU B 87 -32.51 -19.83 -8.85
C LEU B 87 -33.02 -19.47 -7.43
N SER B 88 -32.60 -18.34 -6.87
CA SER B 88 -33.00 -17.99 -5.49
C SER B 88 -34.50 -17.53 -5.37
N LYS B 89 -35.11 -17.30 -6.52
CA LYS B 89 -36.52 -16.96 -6.61
C LYS B 89 -37.44 -17.86 -5.83
N ASP B 90 -37.15 -19.15 -5.76
CA ASP B 90 -38.02 -20.07 -5.04
C ASP B 90 -37.76 -20.18 -3.55
N PHE B 91 -36.88 -19.32 -3.03
CA PHE B 91 -36.57 -19.31 -1.63
C PHE B 91 -37.00 -17.94 -1.09
N ASP B 92 -37.76 -17.97 -0.01
CA ASP B 92 -38.27 -16.77 0.61
C ASP B 92 -37.23 -16.20 1.59
N ILE B 93 -36.15 -15.67 1.06
CA ILE B 93 -35.01 -15.25 1.86
C ILE B 93 -34.89 -13.74 1.91
N VAL B 94 -33.91 -13.23 2.66
CA VAL B 94 -33.78 -11.78 2.83
C VAL B 94 -33.22 -11.08 1.60
N GLY B 95 -32.24 -11.69 0.96
CA GLY B 95 -31.63 -11.03 -0.18
C GLY B 95 -30.54 -11.90 -0.78
N ILE B 96 -29.99 -11.47 -1.90
CA ILE B 96 -28.75 -12.03 -2.37
C ILE B 96 -27.63 -10.99 -2.17
N ALA B 97 -26.39 -11.43 -2.41
CA ALA B 97 -25.22 -10.57 -2.22
C ALA B 97 -24.14 -10.99 -3.20
N SER B 98 -23.26 -10.08 -3.53
CA SER B 98 -22.06 -10.44 -4.26
C SER B 98 -20.92 -9.51 -3.84
N TYR B 99 -19.71 -10.08 -3.70
CA TYR B 99 -18.46 -9.32 -3.69
C TYR B 99 -18.18 -8.91 -5.12
N ALA B 100 -17.26 -7.98 -5.26
CA ALA B 100 -16.78 -7.58 -6.54
C ALA B 100 -15.98 -8.74 -7.18
N PRO B 101 -15.90 -8.74 -8.50
CA PRO B 101 -15.02 -9.66 -9.23
C PRO B 101 -13.63 -9.58 -8.66
N TYR B 102 -13.05 -10.68 -8.22
CA TYR B 102 -11.75 -10.66 -7.53
C TYR B 102 -10.61 -11.02 -8.49
N TYR B 103 -9.40 -11.11 -7.94
CA TYR B 103 -8.18 -11.52 -8.65
C TYR B 103 -7.70 -10.45 -9.66
N TYR B 104 -8.48 -10.14 -10.71
CA TYR B 104 -7.98 -9.30 -11.77
C TYR B 104 -7.80 -7.87 -11.25
N PRO B 105 -6.59 -7.33 -11.32
CA PRO B 105 -6.35 -5.95 -10.89
C PRO B 105 -6.81 -4.98 -11.95
N ARG B 106 -7.02 -3.77 -11.51
CA ARG B 106 -7.44 -2.64 -12.37
C ARG B 106 -8.62 -2.95 -13.34
N MET B 107 -9.71 -3.50 -12.82
CA MET B 107 -10.94 -3.47 -13.57
C MET B 107 -11.52 -2.04 -13.51
N SER B 108 -12.03 -1.57 -14.64
CA SER B 108 -12.56 -0.22 -14.76
C SER B 108 -13.85 -0.06 -13.93
N GLU B 109 -14.08 1.15 -13.45
CA GLU B 109 -15.31 1.46 -12.74
C GLU B 109 -16.52 1.01 -13.58
N LYS B 110 -16.44 1.22 -14.89
CA LYS B 110 -17.56 0.99 -15.76
C LYS B 110 -17.89 -0.49 -15.78
N HIS B 111 -16.84 -1.31 -15.82
CA HIS B 111 -17.03 -2.75 -15.86
C HIS B 111 -17.50 -3.24 -14.50
N LEU B 112 -17.01 -2.66 -13.41
CA LEU B 112 -17.48 -3.07 -12.08
C LEU B 112 -18.97 -2.70 -11.96
N VAL B 113 -19.33 -1.51 -12.40
CA VAL B 113 -20.72 -1.07 -12.28
C VAL B 113 -21.62 -2.03 -13.09
N LYS B 114 -21.17 -2.43 -14.27
CA LYS B 114 -22.01 -3.24 -15.14
C LYS B 114 -22.23 -4.64 -14.56
N TYR B 115 -21.18 -5.16 -13.97
CA TYR B 115 -21.30 -6.41 -13.26
C TYR B 115 -22.43 -6.34 -12.20
N PHE B 116 -22.39 -5.37 -11.29
CA PHE B 116 -23.43 -5.35 -10.23
C PHE B 116 -24.89 -5.08 -10.79
N LYS B 117 -24.98 -4.15 -11.73
CA LYS B 117 -26.29 -3.77 -12.30
C LYS B 117 -26.87 -4.97 -13.03
N THR B 118 -26.02 -5.75 -13.71
CA THR B 118 -26.51 -6.98 -14.34
C THR B 118 -27.15 -7.90 -13.33
N LEU B 119 -26.46 -8.14 -12.20
CA LEU B 119 -27.01 -8.95 -11.13
C LEU B 119 -28.29 -8.36 -10.58
N CYS B 120 -28.29 -7.05 -10.34
CA CYS B 120 -29.52 -6.39 -9.91
C CYS B 120 -30.70 -6.51 -10.86
N GLU B 121 -30.47 -6.43 -12.16
CA GLU B 121 -31.56 -6.56 -13.16
C GLU B 121 -32.16 -7.92 -13.10
N VAL B 122 -31.41 -8.96 -12.75
CA VAL B 122 -32.03 -10.31 -12.74
C VAL B 122 -32.47 -10.80 -11.37
N SER B 123 -32.13 -10.05 -10.31
CA SER B 123 -32.38 -10.55 -8.94
C SER B 123 -33.85 -10.54 -8.58
N PRO B 124 -34.36 -11.65 -8.04
CA PRO B 124 -35.73 -11.66 -7.50
C PRO B 124 -35.80 -11.23 -6.05
N HIS B 125 -34.66 -10.85 -5.46
CA HIS B 125 -34.62 -10.35 -4.09
C HIS B 125 -33.81 -9.08 -3.97
N PRO B 126 -33.92 -8.40 -2.81
CA PRO B 126 -33.04 -7.28 -2.49
C PRO B 126 -31.60 -7.73 -2.66
N VAL B 127 -30.75 -6.83 -3.12
CA VAL B 127 -29.36 -7.16 -3.41
C VAL B 127 -28.44 -6.42 -2.42
N TYR B 128 -27.47 -7.15 -1.86
CA TYR B 128 -26.52 -6.57 -0.92
C TYR B 128 -25.13 -6.53 -1.55
N LEU B 129 -24.45 -5.40 -1.34
CA LEU B 129 -23.07 -5.28 -1.76
C LEU B 129 -22.20 -5.88 -0.68
N TYR B 130 -21.26 -6.75 -1.09
CA TYR B 130 -20.27 -7.24 -0.13
C TYR B 130 -18.99 -6.57 -0.57
N ASN B 131 -18.62 -5.50 0.13
CA ASN B 131 -17.40 -4.76 -0.18
C ASN B 131 -16.20 -5.22 0.66
N TYR B 132 -15.16 -5.74 -0.01
CA TYR B 132 -14.03 -6.32 0.73
C TYR B 132 -12.77 -6.03 -0.07
N PRO B 133 -12.28 -4.78 0.01
CA PRO B 133 -11.14 -4.36 -0.84
C PRO B 133 -9.88 -5.24 -0.74
N THR B 134 -9.51 -5.64 0.47
CA THR B 134 -8.26 -6.41 0.57
C THR B 134 -8.41 -7.77 -0.14
N ALA B 135 -9.54 -8.45 0.06
CA ALA B 135 -9.72 -9.73 -0.63
C ALA B 135 -9.88 -9.62 -2.17
N THR B 136 -10.63 -8.61 -2.66
CA THR B 136 -11.00 -8.64 -4.07
C THR B 136 -10.11 -7.79 -4.92
N GLY B 137 -9.38 -6.90 -4.28
CA GLY B 137 -8.51 -5.98 -5.00
C GLY B 137 -9.23 -4.71 -5.46
N LYS B 138 -10.51 -4.54 -5.13
CA LYS B 138 -11.35 -3.42 -5.64
C LYS B 138 -12.12 -2.79 -4.52
N ASP B 139 -12.28 -1.50 -4.60
CA ASP B 139 -13.21 -0.86 -3.66
C ASP B 139 -14.47 -0.38 -4.35
N ILE B 140 -15.62 -0.80 -3.86
CA ILE B 140 -16.89 -0.28 -4.35
C ILE B 140 -17.41 0.66 -3.24
N ASP B 141 -16.96 1.90 -3.26
CA ASP B 141 -17.21 2.83 -2.15
C ASP B 141 -18.63 3.38 -2.20
N ALA B 142 -18.93 4.26 -1.26
CA ALA B 142 -20.29 4.77 -1.12
C ALA B 142 -20.75 5.48 -2.41
N LYS B 143 -19.86 6.12 -3.09
CA LYS B 143 -20.21 6.86 -4.33
C LYS B 143 -20.49 5.87 -5.47
N VAL B 144 -19.64 4.85 -5.63
CA VAL B 144 -19.90 3.80 -6.63
C VAL B 144 -21.13 3.01 -6.31
N ALA B 145 -21.38 2.77 -5.01
CA ALA B 145 -22.63 2.09 -4.63
C ALA B 145 -23.85 2.94 -5.04
N LYS B 146 -23.81 4.24 -4.77
CA LYS B 146 -24.91 5.13 -5.15
C LYS B 146 -25.08 5.11 -6.68
N GLU B 147 -23.97 5.19 -7.42
CA GLU B 147 -24.03 5.05 -8.87
C GLU B 147 -24.73 3.75 -9.35
N ILE B 148 -24.41 2.59 -8.75
CA ILE B 148 -25.04 1.34 -9.14
C ILE B 148 -26.54 1.47 -8.85
N GLY B 149 -26.85 2.04 -7.70
CA GLY B 149 -28.19 2.42 -7.38
C GLY B 149 -29.19 1.42 -6.89
N CYS B 150 -28.86 0.15 -6.84
CA CYS B 150 -29.89 -0.87 -6.58
C CYS B 150 -29.63 -1.70 -5.31
N PHE B 151 -28.65 -1.30 -4.49
CA PHE B 151 -28.32 -2.03 -3.29
C PHE B 151 -29.26 -1.65 -2.16
N THR B 152 -29.82 -2.66 -1.52
CA THR B 152 -30.61 -2.49 -0.32
C THR B 152 -29.70 -2.39 0.89
N GLY B 153 -28.49 -2.93 0.81
CA GLY B 153 -27.55 -2.83 1.91
C GLY B 153 -26.14 -3.18 1.51
N VAL B 154 -25.22 -3.08 2.49
CA VAL B 154 -23.83 -3.26 2.19
C VAL B 154 -23.16 -3.84 3.41
N LYS B 155 -22.27 -4.80 3.16
CA LYS B 155 -21.38 -5.29 4.18
C LYS B 155 -20.03 -4.72 3.80
N ASP B 156 -19.49 -3.88 4.68
CA ASP B 156 -18.21 -3.23 4.41
C ASP B 156 -17.07 -3.83 5.29
N THR B 157 -16.20 -4.60 4.67
CA THR B 157 -15.14 -5.23 5.42
C THR B 157 -13.89 -4.44 5.13
N ILE B 158 -13.59 -3.54 6.04
CA ILE B 158 -12.51 -2.59 5.90
C ILE B 158 -12.34 -2.04 7.35
N GLU B 159 -11.15 -1.68 7.78
CA GLU B 159 -10.94 -1.20 9.19
C GLU B 159 -11.37 0.31 9.38
N ASN B 160 -11.52 0.97 8.22
CA ASN B 160 -11.79 2.41 8.17
C ASN B 160 -13.28 2.70 8.27
N ILE B 161 -13.73 2.92 9.49
CA ILE B 161 -15.13 3.20 9.71
C ILE B 161 -15.68 4.47 9.01
N ILE B 162 -14.80 5.45 8.68
CA ILE B 162 -15.22 6.64 7.91
C ILE B 162 -15.86 6.16 6.59
N HIS B 163 -15.18 5.23 5.95
CA HIS B 163 -15.62 4.62 4.69
C HIS B 163 -16.99 3.94 4.82
N THR B 164 -17.18 3.21 5.91
CA THR B 164 -18.46 2.57 6.19
C THR B 164 -19.57 3.61 6.45
N LEU B 165 -19.28 4.63 7.29
CA LEU B 165 -20.26 5.69 7.50
C LEU B 165 -20.65 6.43 6.19
N ASP B 166 -19.72 6.63 5.30
CA ASP B 166 -20.04 7.24 4.01
C ASP B 166 -21.17 6.54 3.25
N TYR B 167 -21.29 5.21 3.35
CA TYR B 167 -22.44 4.57 2.72
C TYR B 167 -23.74 5.19 3.24
N LYS B 168 -23.87 5.31 4.56
CA LYS B 168 -25.04 5.94 5.16
C LYS B 168 -25.20 7.40 4.72
N ARG B 169 -24.10 8.12 4.68
CA ARG B 169 -24.16 9.53 4.35
C ARG B 169 -24.66 9.74 2.92
N LEU B 170 -24.14 8.96 1.97
CA LEU B 170 -24.56 9.13 0.58
C LEU B 170 -25.78 8.30 0.18
N ASN B 171 -26.12 7.27 0.96
CA ASN B 171 -27.32 6.47 0.68
C ASN B 171 -28.13 6.30 1.96
N PRO B 172 -28.86 7.36 2.35
CA PRO B 172 -29.53 7.34 3.66
C PRO B 172 -30.47 6.16 3.82
N ASN B 173 -30.99 5.55 2.75
CA ASN B 173 -31.91 4.42 2.99
C ASN B 173 -31.24 3.05 3.02
N MET B 174 -29.93 2.99 2.78
CA MET B 174 -29.22 1.68 2.76
C MET B 174 -28.98 1.17 4.17
N LEU B 175 -29.20 -0.14 4.36
CA LEU B 175 -28.69 -0.85 5.52
C LEU B 175 -27.17 -0.95 5.41
N VAL B 176 -26.49 -0.51 6.44
CA VAL B 176 -25.04 -0.48 6.40
C VAL B 176 -24.45 -1.30 7.53
N TYR B 177 -23.72 -2.37 7.16
CA TYR B 177 -23.09 -3.25 8.15
C TYR B 177 -21.58 -3.19 8.04
N SER B 178 -20.89 -3.39 9.18
CA SER B 178 -19.43 -3.51 9.11
C SER B 178 -19.10 -5.00 9.04
N GLY B 179 -18.02 -5.35 8.36
CA GLY B 179 -17.62 -6.76 8.33
C GLY B 179 -16.65 -7.05 9.47
N SER B 180 -16.53 -6.18 10.47
CA SER B 180 -15.53 -6.41 11.52
C SER B 180 -16.12 -7.00 12.83
N ASP B 181 -15.45 -8.00 13.42
CA ASP B 181 -15.84 -8.38 14.75
C ASP B 181 -15.38 -7.31 15.79
N MET B 182 -14.37 -6.53 15.46
CA MET B 182 -13.76 -5.64 16.48
C MET B 182 -14.52 -4.33 16.60
N LEU B 183 -15.50 -4.16 15.71
CA LEU B 183 -16.27 -2.91 15.68
C LEU B 183 -17.72 -3.12 16.08
N ILE B 184 -18.05 -4.24 16.71
CA ILE B 184 -19.45 -4.41 17.14
C ILE B 184 -19.96 -3.32 18.13
N ALA B 185 -19.21 -3.07 19.21
CA ALA B 185 -19.66 -2.00 20.12
C ALA B 185 -19.74 -0.60 19.44
N THR B 186 -18.73 -0.28 18.60
CA THR B 186 -18.64 1.04 17.94
C THR B 186 -19.78 1.22 16.94
N VAL B 187 -19.98 0.22 16.09
CA VAL B 187 -21.04 0.25 15.06
C VAL B 187 -22.39 0.48 15.68
N ALA B 188 -22.68 -0.26 16.74
CA ALA B 188 -23.96 -0.11 17.40
C ALA B 188 -24.08 1.30 18.06
N SER B 189 -22.96 1.78 18.59
N SER B 189 -22.98 1.81 18.58
CA SER B 189 -22.95 3.07 19.31
CA SER B 189 -23.04 3.09 19.29
C SER B 189 -23.16 4.25 18.36
C SER B 189 -23.18 4.27 18.35
N THR B 190 -22.79 4.07 17.10
CA THR B 190 -22.65 5.19 16.18
C THR B 190 -23.76 5.29 15.13
N GLY B 191 -24.81 4.51 15.29
CA GLY B 191 -25.94 4.70 14.38
C GLY B 191 -25.88 3.87 13.11
N LEU B 192 -25.03 2.82 13.10
CA LEU B 192 -24.97 1.91 11.93
C LEU B 192 -25.82 0.66 12.21
N ASP B 193 -26.04 -0.18 11.19
CA ASP B 193 -27.05 -1.23 11.26
C ASP B 193 -26.60 -2.58 11.81
N GLY B 194 -25.30 -2.74 12.08
CA GLY B 194 -24.81 -3.94 12.77
C GLY B 194 -23.56 -4.48 12.07
N ASN B 195 -23.31 -5.77 12.26
CA ASN B 195 -22.02 -6.33 11.86
C ASN B 195 -22.29 -7.72 11.33
N VAL B 196 -21.58 -8.08 10.28
CA VAL B 196 -21.54 -9.44 9.75
C VAL B 196 -20.16 -9.94 10.28
N ALA B 197 -20.21 -10.71 11.35
CA ALA B 197 -19.05 -10.97 12.20
C ALA B 197 -18.66 -12.46 12.16
N ALA B 198 -17.51 -12.77 11.58
CA ALA B 198 -16.99 -14.14 11.48
C ALA B 198 -16.99 -14.80 12.88
N GLY B 199 -16.64 -14.02 13.90
CA GLY B 199 -16.47 -14.52 15.28
C GLY B 199 -17.82 -14.90 15.93
N SER B 200 -18.94 -14.45 15.34
CA SER B 200 -20.24 -14.86 15.85
C SER B 200 -20.51 -16.34 15.54
N ASN B 201 -19.70 -16.99 14.71
CA ASN B 201 -19.87 -18.42 14.48
C ASN B 201 -19.55 -19.19 15.73
N TYR B 202 -18.50 -18.76 16.43
CA TYR B 202 -18.04 -19.48 17.60
C TYR B 202 -18.42 -18.84 18.95
N LEU B 203 -18.66 -17.52 18.95
CA LEU B 203 -19.11 -16.83 20.19
C LEU B 203 -20.35 -15.97 19.87
N PRO B 204 -21.43 -16.55 19.35
CA PRO B 204 -22.61 -15.74 18.98
C PRO B 204 -23.11 -15.01 20.23
N GLU B 205 -23.07 -15.68 21.37
CA GLU B 205 -23.55 -15.05 22.63
C GLU B 205 -22.74 -13.79 22.94
N VAL B 206 -21.42 -13.81 22.68
CA VAL B 206 -20.60 -12.62 22.98
C VAL B 206 -20.99 -11.45 22.07
N THR B 207 -21.09 -11.73 20.79
CA THR B 207 -21.36 -10.68 19.83
C THR B 207 -22.74 -10.06 20.03
N VAL B 208 -23.76 -10.88 20.29
CA VAL B 208 -25.07 -10.34 20.63
C VAL B 208 -25.05 -9.49 21.93
N THR B 209 -24.34 -9.92 22.94
CA THR B 209 -24.27 -9.15 24.15
C THR B 209 -23.53 -7.80 24.02
N ILE B 210 -22.42 -7.76 23.27
CA ILE B 210 -21.75 -6.49 23.00
C ILE B 210 -22.77 -5.57 22.39
N LYS B 211 -23.49 -6.05 21.36
CA LYS B 211 -24.43 -5.18 20.66
C LYS B 211 -25.55 -4.64 21.65
N LYS B 212 -26.10 -5.55 22.42
CA LYS B 212 -27.14 -5.21 23.40
C LYS B 212 -26.62 -4.18 24.41
N LEU B 213 -25.45 -4.40 24.97
CA LEU B 213 -24.84 -3.44 25.90
C LEU B 213 -24.64 -2.05 25.32
N ALA B 214 -24.06 -2.05 24.13
CA ALA B 214 -23.89 -0.83 23.36
C ALA B 214 -25.23 -0.12 23.18
N MET B 215 -26.25 -0.88 22.74
N MET B 215 -26.27 -0.87 22.78
CA MET B 215 -27.58 -0.30 22.50
CA MET B 215 -27.58 -0.25 22.51
C MET B 215 -28.09 0.34 23.80
C MET B 215 -28.29 0.22 23.81
N GLU B 216 -27.86 -0.33 24.93
CA GLU B 216 -28.23 0.23 26.26
C GLU B 216 -27.42 1.43 26.68
N ARG B 217 -26.47 1.84 25.84
CA ARG B 217 -25.54 2.92 26.17
C ARG B 217 -24.65 2.59 27.34
N LYS B 218 -24.43 1.31 27.61
CA LYS B 218 -23.42 0.89 28.58
C LYS B 218 -22.08 0.73 27.88
N ILE B 219 -21.51 1.84 27.44
CA ILE B 219 -20.38 1.75 26.52
C ILE B 219 -19.17 1.09 27.20
N ASP B 220 -18.83 1.48 28.43
CA ASP B 220 -17.70 0.89 29.11
C ASP B 220 -17.84 -0.67 29.23
N GLU B 221 -19.03 -1.16 29.57
CA GLU B 221 -19.35 -2.59 29.70
C GLU B 221 -19.22 -3.22 28.33
N ALA B 222 -19.76 -2.53 27.32
CA ALA B 222 -19.73 -3.07 25.96
C ALA B 222 -18.26 -3.19 25.49
N LEU B 223 -17.47 -2.18 25.81
CA LEU B 223 -16.09 -2.20 25.33
C LEU B 223 -15.29 -3.29 26.01
N LYS B 224 -15.56 -3.48 27.32
CA LYS B 224 -14.83 -4.52 28.08
C LYS B 224 -15.07 -5.89 27.40
N LEU B 225 -16.31 -6.17 27.04
CA LEU B 225 -16.63 -7.42 26.32
C LEU B 225 -16.06 -7.43 24.92
N GLN B 226 -16.24 -6.30 24.23
CA GLN B 226 -15.62 -6.15 22.91
C GLN B 226 -14.13 -6.46 22.94
N PHE B 227 -13.44 -5.94 23.94
CA PHE B 227 -11.99 -6.15 24.03
C PHE B 227 -11.64 -7.64 24.28
N LEU B 228 -12.48 -8.37 25.01
CA LEU B 228 -12.17 -9.79 25.22
C LEU B 228 -12.36 -10.49 23.91
N HIS B 229 -13.42 -10.09 23.18
CA HIS B 229 -13.71 -10.75 21.91
C HIS B 229 -12.53 -10.47 20.94
N ASP B 230 -11.98 -9.26 20.98
CA ASP B 230 -10.80 -8.93 20.18
C ASP B 230 -9.64 -9.88 20.41
N GLU B 231 -9.42 -10.28 21.66
CA GLU B 231 -8.38 -11.24 21.97
C GLU B 231 -8.61 -12.62 21.31
N VAL B 232 -9.84 -13.11 21.29
CA VAL B 232 -10.13 -14.36 20.59
C VAL B 232 -9.86 -14.24 19.05
N ILE B 233 -10.29 -13.11 18.45
CA ILE B 233 -10.02 -12.83 17.05
C ILE B 233 -8.47 -12.87 16.79
N GLU B 234 -7.71 -12.15 17.61
CA GLU B 234 -6.24 -12.19 17.52
C GLU B 234 -5.68 -13.60 17.67
N ALA B 235 -6.16 -14.35 18.67
CA ALA B 235 -5.76 -15.76 18.81
C ALA B 235 -6.07 -16.54 17.51
N SER B 236 -7.25 -16.31 16.92
CA SER B 236 -7.63 -17.08 15.75
C SER B 236 -6.66 -16.84 14.56
N ARG B 237 -6.07 -15.66 14.55
CA ARG B 237 -5.19 -15.27 13.43
C ARG B 237 -3.76 -15.88 13.53
N ILE B 238 -3.37 -16.39 14.69
CA ILE B 238 -2.02 -16.96 14.85
C ILE B 238 -1.75 -18.03 13.80
N PHE B 239 -2.67 -18.97 13.63
CA PHE B 239 -2.46 -20.08 12.68
C PHE B 239 -3.32 -19.93 11.40
N GLY B 240 -4.15 -18.89 11.36
CA GLY B 240 -4.91 -18.56 10.16
C GLY B 240 -6.36 -18.61 10.55
N SER B 241 -7.07 -17.50 10.37
CA SER B 241 -8.37 -17.39 11.03
C SER B 241 -9.42 -18.30 10.42
N LEU B 242 -9.39 -18.45 9.11
CA LEU B 242 -10.40 -19.25 8.44
C LEU B 242 -10.35 -20.70 8.87
N SER B 243 -9.14 -21.23 9.04
CA SER B 243 -8.97 -22.58 9.57
C SER B 243 -9.29 -22.59 11.05
N SER B 244 -8.78 -21.61 11.79
CA SER B 244 -9.01 -21.59 13.25
C SER B 244 -10.46 -21.52 13.62
N ASN B 245 -11.27 -20.87 12.78
CA ASN B 245 -12.70 -20.68 13.11
C ASN B 245 -13.39 -22.01 13.40
N TYR B 246 -12.90 -23.08 12.76
CA TYR B 246 -13.49 -24.41 12.92
C TYR B 246 -13.23 -24.91 14.31
N VAL B 247 -11.97 -24.82 14.73
CA VAL B 247 -11.51 -25.29 16.03
C VAL B 247 -12.20 -24.48 17.14
N LEU B 248 -12.29 -23.17 16.98
CA LEU B 248 -12.97 -22.33 17.98
C LEU B 248 -14.46 -22.59 18.16
N THR B 249 -15.15 -22.92 17.07
CA THR B 249 -16.57 -23.22 17.14
C THR B 249 -16.78 -24.52 17.94
N LYS B 250 -15.99 -25.55 17.60
CA LYS B 250 -16.05 -26.83 18.33
C LYS B 250 -15.73 -26.61 19.78
N TYR B 251 -14.70 -25.80 20.07
CA TYR B 251 -14.30 -25.52 21.43
C TYR B 251 -15.41 -24.79 22.19
N PHE B 252 -15.87 -23.66 21.65
CA PHE B 252 -16.87 -22.85 22.38
C PHE B 252 -18.31 -23.39 22.29
N GLN B 253 -18.68 -24.00 21.16
CA GLN B 253 -20.09 -24.32 20.94
C GLN B 253 -20.36 -25.81 21.16
N GLY B 254 -19.29 -26.62 21.17
CA GLY B 254 -19.40 -27.98 21.61
C GLY B 254 -19.82 -28.99 20.56
N TYR B 255 -19.90 -28.59 19.30
CA TYR B 255 -20.16 -29.53 18.22
C TYR B 255 -19.08 -29.26 17.18
N ASP B 256 -18.82 -30.18 16.26
CA ASP B 256 -17.76 -29.82 15.31
C ASP B 256 -18.28 -29.48 13.92
N LEU B 257 -17.40 -28.84 13.17
CA LEU B 257 -17.75 -28.32 11.86
C LEU B 257 -16.92 -29.01 10.79
N GLY B 258 -16.41 -30.21 11.08
CA GLY B 258 -15.67 -30.96 10.06
C GLY B 258 -14.35 -30.29 9.69
N TYR B 259 -14.14 -30.13 8.38
CA TYR B 259 -12.86 -29.72 7.80
C TYR B 259 -13.13 -28.44 6.96
N PRO B 260 -12.16 -27.53 6.84
CA PRO B 260 -12.21 -26.49 5.80
C PRO B 260 -11.80 -27.14 4.46
N ARG B 261 -11.79 -26.36 3.39
CA ARG B 261 -11.34 -26.86 2.10
C ARG B 261 -9.94 -26.30 1.78
N PRO B 262 -8.92 -27.17 1.72
CA PRO B 262 -7.53 -26.83 1.32
C PRO B 262 -7.53 -26.14 -0.04
N PRO B 263 -6.77 -25.06 -0.25
CA PRO B 263 -5.65 -24.60 0.60
C PRO B 263 -5.95 -23.85 1.94
N ILE B 264 -7.22 -23.72 2.33
CA ILE B 264 -7.50 -23.48 3.73
C ILE B 264 -7.30 -24.78 4.52
N PHE B 265 -6.10 -25.02 5.04
CA PHE B 265 -5.83 -26.35 5.65
C PHE B 265 -6.30 -26.41 7.11
N PRO B 266 -6.82 -27.55 7.58
CA PRO B 266 -7.20 -27.70 9.02
C PRO B 266 -6.02 -27.48 9.95
N LEU B 267 -6.24 -26.92 11.15
CA LEU B 267 -5.17 -26.92 12.12
C LEU B 267 -4.85 -28.39 12.44
N ASP B 268 -3.58 -28.67 12.66
CA ASP B 268 -3.16 -29.99 13.17
C ASP B 268 -3.40 -30.09 14.68
N ASP B 269 -3.14 -31.27 15.25
CA ASP B 269 -3.37 -31.46 16.67
C ASP B 269 -2.65 -30.44 17.54
N GLU B 270 -1.37 -30.21 17.26
CA GLU B 270 -0.58 -29.30 18.10
C GLU B 270 -1.05 -27.84 18.01
N GLU B 271 -1.40 -27.40 16.79
CA GLU B 271 -1.83 -26.02 16.57
C GLU B 271 -3.16 -25.85 17.35
N GLU B 272 -4.03 -26.84 17.24
CA GLU B 272 -5.29 -26.79 17.98
C GLU B 272 -5.06 -26.63 19.50
N ARG B 273 -4.06 -27.34 20.03
CA ARG B 273 -3.81 -27.32 21.48
C ARG B 273 -3.26 -25.97 21.84
N GLN B 274 -2.33 -25.47 21.02
CA GLN B 274 -1.77 -24.16 21.22
C GLN B 274 -2.84 -23.03 21.19
N LEU B 275 -3.77 -23.13 20.22
CA LEU B 275 -4.90 -22.18 20.04
C LEU B 275 -5.83 -22.24 21.28
N ILE B 276 -6.19 -23.45 21.71
CA ILE B 276 -6.98 -23.64 22.93
C ILE B 276 -6.34 -22.98 24.18
N LYS B 277 -5.02 -23.14 24.34
CA LYS B 277 -4.31 -22.52 25.46
C LYS B 277 -4.31 -21.00 25.38
N LYS B 278 -4.39 -20.48 24.17
CA LYS B 278 -4.46 -19.04 24.03
C LYS B 278 -5.85 -18.52 24.37
N VAL B 279 -6.91 -19.31 24.29
CA VAL B 279 -8.26 -18.72 24.52
C VAL B 279 -8.95 -19.23 25.81
N GLU B 280 -8.29 -20.18 26.46
CA GLU B 280 -8.72 -20.80 27.69
C GLU B 280 -9.00 -19.82 28.79
N GLY B 281 -8.07 -18.90 28.95
CA GLY B 281 -8.21 -17.93 30.01
C GLY B 281 -9.30 -16.94 29.62
N ILE B 282 -9.45 -16.67 28.33
CA ILE B 282 -10.59 -15.81 27.94
C ILE B 282 -11.92 -16.54 28.26
N ARG B 283 -11.99 -17.82 27.99
N ARG B 283 -11.94 -17.85 28.01
CA ARG B 283 -13.23 -18.54 28.26
CA ARG B 283 -13.15 -18.67 28.25
C ARG B 283 -13.58 -18.39 29.74
C ARG B 283 -13.58 -18.62 29.71
N ALA B 284 -12.59 -18.62 30.60
CA ALA B 284 -12.83 -18.53 32.04
C ALA B 284 -13.36 -17.14 32.40
N LYS B 285 -12.84 -16.07 31.79
CA LYS B 285 -13.36 -14.75 32.06
C LYS B 285 -14.82 -14.63 31.63
N LEU B 286 -15.14 -15.26 30.49
CA LEU B 286 -16.51 -15.21 29.95
C LEU B 286 -17.50 -16.02 30.82
N VAL B 287 -17.01 -17.12 31.40
CA VAL B 287 -17.76 -17.89 32.40
C VAL B 287 -18.06 -17.04 33.65
N GLU B 288 -17.02 -16.37 34.15
CA GLU B 288 -17.13 -15.45 35.28
C GLU B 288 -18.09 -14.29 34.97
N LEU B 289 -18.09 -13.79 33.73
CA LEU B 289 -19.07 -12.78 33.36
C LEU B 289 -20.47 -13.35 33.13
N LYS B 290 -20.65 -14.67 33.27
CA LYS B 290 -21.94 -15.36 33.01
C LYS B 290 -22.42 -15.27 31.54
N ILE B 291 -21.51 -15.01 30.62
CA ILE B 291 -21.82 -15.14 29.20
C ILE B 291 -21.86 -16.59 28.70
N LEU B 292 -20.94 -17.41 29.21
CA LEU B 292 -20.83 -18.82 28.87
C LEU B 292 -21.04 -19.65 30.13
N LYS B 293 -21.55 -20.87 29.98
CA LYS B 293 -21.63 -21.83 31.11
C LYS B 293 -20.36 -22.64 31.30
N GLU B 294 -20.16 -23.10 32.53
CA GLU B 294 -19.26 -24.26 32.84
C GLU B 294 -18.41 -23.98 34.09
N PRO C 2 17.61 -16.16 -23.67
CA PRO C 2 16.26 -15.94 -23.06
C PRO C 2 15.15 -16.28 -24.03
N GLU C 3 13.94 -16.40 -23.49
CA GLU C 3 12.75 -16.83 -24.24
C GLU C 3 11.71 -15.75 -24.18
N ILE C 4 10.81 -15.72 -25.17
CA ILE C 4 9.48 -15.08 -25.00
C ILE C 4 8.44 -16.17 -24.91
N ILE C 5 7.66 -16.12 -23.85
CA ILE C 5 6.61 -17.08 -23.62
C ILE C 5 5.27 -16.33 -23.65
N THR C 6 4.34 -16.82 -24.46
CA THR C 6 3.05 -16.16 -24.52
C THR C 6 2.06 -16.74 -23.50
N PRO C 7 1.51 -15.92 -22.60
CA PRO C 7 0.35 -16.36 -21.80
C PRO C 7 -0.87 -16.18 -22.73
N ILE C 8 -1.27 -17.30 -23.34
CA ILE C 8 -2.16 -17.20 -24.44
C ILE C 8 -3.60 -16.85 -24.02
N ILE C 9 -4.18 -15.93 -24.76
CA ILE C 9 -5.58 -15.55 -24.61
C ILE C 9 -6.48 -16.75 -24.85
N THR C 10 -7.53 -16.86 -24.04
CA THR C 10 -8.60 -17.84 -24.23
C THR C 10 -9.75 -17.12 -25.00
N PRO C 11 -9.97 -17.51 -26.26
CA PRO C 11 -11.05 -16.89 -27.03
C PRO C 11 -12.38 -17.58 -26.65
N PHE C 12 -13.39 -16.80 -26.31
CA PHE C 12 -14.72 -17.36 -25.96
C PHE C 12 -15.67 -17.12 -27.12
N THR C 13 -16.61 -18.00 -27.30
CA THR C 13 -17.66 -17.82 -28.30
C THR C 13 -18.65 -16.78 -27.87
N LYS C 14 -19.54 -16.45 -28.79
CA LYS C 14 -20.61 -15.52 -28.47
C LYS C 14 -21.51 -16.07 -27.35
N ASP C 15 -21.60 -17.40 -27.20
CA ASP C 15 -22.28 -17.95 -26.05
C ASP C 15 -21.35 -18.41 -24.92
N ASN C 16 -20.19 -17.78 -24.79
CA ASN C 16 -19.38 -17.92 -23.55
C ASN C 16 -18.83 -19.30 -23.32
N ARG C 17 -18.43 -20.00 -24.39
CA ARG C 17 -17.68 -21.23 -24.27
C ARG C 17 -16.31 -21.00 -24.89
N ILE C 18 -15.35 -21.86 -24.58
CA ILE C 18 -14.05 -21.78 -25.28
C ILE C 18 -14.16 -22.03 -26.80
N ASP C 19 -13.69 -21.08 -27.57
CA ASP C 19 -13.66 -21.30 -29.01
C ASP C 19 -12.38 -22.09 -29.37
N LYS C 20 -12.46 -23.41 -29.36
CA LYS C 20 -11.27 -24.24 -29.66
C LYS C 20 -10.56 -23.94 -30.96
N GLU C 21 -11.33 -23.60 -32.00
CA GLU C 21 -10.71 -23.41 -33.33
C GLU C 21 -9.96 -22.11 -33.42
N LYS C 22 -10.54 -21.03 -32.88
CA LYS C 22 -9.84 -19.76 -32.85
C LYS C 22 -8.56 -19.89 -31.98
N LEU C 23 -8.63 -20.71 -30.92
CA LEU C 23 -7.52 -20.88 -30.04
C LEU C 23 -6.37 -21.59 -30.82
N LYS C 24 -6.72 -22.60 -31.62
CA LYS C 24 -5.71 -23.33 -32.40
C LYS C 24 -5.10 -22.41 -33.42
N ILE C 25 -5.91 -21.59 -34.10
CA ILE C 25 -5.37 -20.63 -35.08
C ILE C 25 -4.37 -19.62 -34.42
N HIS C 26 -4.75 -19.14 -33.23
CA HIS C 26 -3.88 -18.19 -32.50
C HIS C 26 -2.56 -18.88 -32.13
N ALA C 27 -2.63 -20.06 -31.51
CA ALA C 27 -1.44 -20.78 -31.07
C ALA C 27 -0.45 -21.12 -32.25
N GLU C 28 -0.97 -21.43 -33.45
CA GLU C 28 -0.16 -21.82 -34.62
C GLU C 28 0.59 -20.60 -35.04
N ASN C 29 -0.14 -19.49 -35.13
CA ASN C 29 0.47 -18.24 -35.50
C ASN C 29 1.62 -17.87 -34.53
N LEU C 30 1.36 -17.90 -33.22
CA LEU C 30 2.40 -17.55 -32.23
C LEU C 30 3.67 -18.44 -32.42
N ILE C 31 3.49 -19.75 -32.50
CA ILE C 31 4.62 -20.64 -32.76
C ILE C 31 5.31 -20.30 -34.10
N ARG C 32 4.54 -20.08 -35.16
CA ARG C 32 5.12 -19.68 -36.46
C ARG C 32 5.97 -18.40 -36.33
N LYS C 33 5.54 -17.47 -35.45
CA LYS C 33 6.25 -16.20 -35.33
C LYS C 33 7.42 -16.22 -34.35
N GLY C 34 7.81 -17.38 -33.84
CA GLY C 34 9.01 -17.46 -33.04
C GLY C 34 8.83 -17.48 -31.54
N ILE C 35 7.58 -17.55 -31.06
CA ILE C 35 7.35 -17.62 -29.60
C ILE C 35 7.87 -18.97 -29.11
N ASP C 36 8.56 -18.96 -27.96
CA ASP C 36 9.17 -20.17 -27.45
C ASP C 36 8.20 -21.18 -26.85
N LYS C 37 7.30 -20.73 -25.98
CA LYS C 37 6.41 -21.65 -25.28
C LYS C 37 5.13 -20.90 -24.98
N LEU C 38 4.10 -21.62 -24.61
CA LEU C 38 2.80 -21.02 -24.43
C LEU C 38 2.38 -21.38 -23.00
N PHE C 39 1.94 -20.35 -22.29
CA PHE C 39 1.58 -20.47 -20.87
C PHE C 39 0.05 -20.43 -20.91
N VAL C 40 -0.55 -21.52 -20.54
CA VAL C 40 -1.98 -21.73 -20.71
C VAL C 40 -2.73 -21.65 -19.36
N ASN C 41 -3.91 -21.02 -19.37
CA ASN C 41 -4.73 -20.70 -18.17
C ASN C 41 -4.04 -19.73 -17.24
N GLY C 42 -3.30 -18.77 -17.81
CA GLY C 42 -2.67 -17.74 -17.00
C GLY C 42 -3.65 -16.60 -16.83
N THR C 43 -3.18 -15.48 -16.28
CA THR C 43 -4.05 -14.31 -16.11
C THR C 43 -4.57 -13.81 -17.41
N THR C 44 -3.66 -13.70 -18.39
CA THR C 44 -4.09 -13.23 -19.73
C THR C 44 -5.15 -14.15 -20.37
N GLY C 45 -5.03 -15.44 -20.10
CA GLY C 45 -6.01 -16.42 -20.58
C GLY C 45 -7.23 -16.56 -19.68
N LEU C 46 -7.38 -15.63 -18.75
CA LEU C 46 -8.47 -15.69 -17.75
C LEU C 46 -8.55 -16.99 -16.97
N GLY C 47 -7.41 -17.58 -16.60
CA GLY C 47 -7.44 -18.84 -15.80
C GLY C 47 -8.38 -18.89 -14.61
N PRO C 48 -8.36 -17.86 -13.73
CA PRO C 48 -9.28 -17.88 -12.59
C PRO C 48 -10.76 -17.90 -12.99
N SER C 49 -11.11 -17.51 -14.21
CA SER C 49 -12.54 -17.51 -14.65
C SER C 49 -12.98 -18.84 -15.26
N LEU C 50 -12.04 -19.76 -15.39
CA LEU C 50 -12.23 -21.06 -16.07
C LEU C 50 -12.44 -22.13 -15.03
N SER C 51 -13.46 -22.94 -15.20
CA SER C 51 -13.59 -24.17 -14.39
C SER C 51 -12.39 -25.12 -14.68
N PRO C 52 -12.19 -26.12 -13.84
CA PRO C 52 -11.12 -27.11 -14.07
C PRO C 52 -11.32 -27.85 -15.39
N GLU C 53 -12.57 -28.14 -15.73
CA GLU C 53 -12.90 -28.75 -17.03
C GLU C 53 -12.46 -27.85 -18.16
N GLU C 54 -12.74 -26.54 -18.06
CA GLU C 54 -12.31 -25.62 -19.12
C GLU C 54 -10.78 -25.46 -19.14
N LYS C 55 -10.12 -25.48 -17.98
CA LYS C 55 -8.65 -25.40 -17.96
C LYS C 55 -8.06 -26.64 -18.71
N LEU C 56 -8.65 -27.82 -18.51
CA LEU C 56 -8.28 -29.01 -19.31
C LEU C 56 -8.57 -28.88 -20.84
N GLU C 57 -9.73 -28.33 -21.21
CA GLU C 57 -10.05 -28.11 -22.65
C GLU C 57 -9.01 -27.21 -23.31
N ASN C 58 -8.62 -26.13 -22.60
CA ASN C 58 -7.61 -25.21 -23.14
C ASN C 58 -6.36 -26.01 -23.40
N LEU C 59 -5.94 -26.82 -22.43
CA LEU C 59 -4.72 -27.62 -22.59
C LEU C 59 -4.83 -28.51 -23.88
N LYS C 60 -5.97 -29.23 -24.00
CA LYS C 60 -6.22 -30.16 -25.11
C LYS C 60 -6.15 -29.46 -26.46
N ALA C 61 -6.77 -28.27 -26.54
CA ALA C 61 -6.77 -27.53 -27.78
C ALA C 61 -5.38 -27.07 -28.18
N VAL C 62 -4.66 -26.46 -27.25
CA VAL C 62 -3.36 -25.94 -27.59
C VAL C 62 -2.38 -27.10 -27.95
N TYR C 63 -2.52 -28.18 -27.21
CA TYR C 63 -1.73 -29.37 -27.43
C TYR C 63 -1.89 -30.01 -28.84
N ASP C 64 -3.04 -29.81 -29.48
CA ASP C 64 -3.17 -30.13 -30.89
C ASP C 64 -2.07 -29.41 -31.70
N VAL C 65 -1.69 -28.21 -31.26
CA VAL C 65 -0.81 -27.35 -32.02
C VAL C 65 0.69 -27.59 -31.64
N THR C 66 0.97 -27.77 -30.36
CA THR C 66 2.32 -27.81 -29.92
C THR C 66 2.41 -28.48 -28.57
N ASN C 67 3.58 -29.03 -28.27
CA ASN C 67 3.86 -29.55 -26.96
C ASN C 67 4.61 -28.51 -26.07
N LYS C 68 4.88 -27.35 -26.64
CA LYS C 68 5.64 -26.33 -25.93
C LYS C 68 4.69 -25.53 -24.98
N ILE C 69 4.15 -26.22 -23.98
CA ILE C 69 3.12 -25.67 -23.14
C ILE C 69 3.56 -25.68 -21.65
N ILE C 70 3.30 -24.57 -20.93
CA ILE C 70 3.24 -24.62 -19.49
C ILE C 70 1.75 -24.53 -19.05
N PHE C 71 1.29 -25.55 -18.32
CA PHE C 71 -0.17 -25.79 -18.04
C PHE C 71 -0.47 -25.21 -16.65
N GLN C 72 -1.11 -24.05 -16.58
CA GLN C 72 -1.46 -23.51 -15.25
C GLN C 72 -2.71 -24.19 -14.68
N VAL C 73 -2.64 -24.71 -13.44
CA VAL C 73 -3.68 -25.59 -12.89
C VAL C 73 -4.28 -25.10 -11.52
N GLY C 74 -3.78 -23.95 -11.01
CA GLY C 74 -4.05 -23.52 -9.65
C GLY C 74 -5.49 -23.15 -9.44
N GLY C 75 -5.92 -23.19 -8.18
CA GLY C 75 -7.16 -22.56 -7.77
C GLY C 75 -7.40 -22.79 -6.30
N LEU C 76 -8.66 -22.61 -5.87
CA LEU C 76 -9.03 -22.64 -4.45
C LEU C 76 -9.61 -23.94 -4.00
N ASN C 77 -9.60 -24.93 -4.89
CA ASN C 77 -9.97 -26.28 -4.47
C ASN C 77 -8.76 -27.08 -4.84
N LEU C 78 -7.99 -27.46 -3.85
CA LEU C 78 -6.71 -28.13 -4.10
C LEU C 78 -6.91 -29.50 -4.77
N ASP C 79 -7.99 -30.20 -4.44
CA ASP C 79 -8.37 -31.44 -5.09
C ASP C 79 -8.55 -31.29 -6.62
N ASP C 80 -9.11 -30.19 -7.09
CA ASP C 80 -9.22 -29.97 -8.55
C ASP C 80 -7.84 -29.70 -9.15
N ALA C 81 -7.03 -28.89 -8.45
CA ALA C 81 -5.69 -28.64 -8.96
C ALA C 81 -4.86 -29.96 -9.07
N ILE C 82 -4.88 -30.78 -8.03
CA ILE C 82 -4.21 -32.07 -7.97
C ILE C 82 -4.72 -32.92 -9.17
N ARG C 83 -6.02 -32.95 -9.41
CA ARG C 83 -6.54 -33.73 -10.51
C ARG C 83 -6.07 -33.21 -11.86
N LEU C 84 -6.06 -31.88 -12.08
CA LEU C 84 -5.47 -31.38 -13.32
C LEU C 84 -3.99 -31.73 -13.42
N ALA C 85 -3.25 -31.62 -12.34
CA ALA C 85 -1.83 -31.93 -12.46
C ALA C 85 -1.64 -33.44 -12.92
N LYS C 86 -2.36 -34.32 -12.25
CA LYS C 86 -2.31 -35.75 -12.57
C LYS C 86 -2.69 -36.02 -14.04
N LEU C 87 -3.73 -35.36 -14.57
CA LEU C 87 -4.21 -35.60 -15.94
C LEU C 87 -3.23 -35.11 -17.00
N SER C 88 -2.43 -34.09 -16.64
CA SER C 88 -1.34 -33.66 -17.51
C SER C 88 -0.29 -34.78 -17.76
N LYS C 89 -0.32 -35.89 -17.01
CA LYS C 89 0.64 -37.00 -17.28
C LYS C 89 0.59 -37.46 -18.74
N ASP C 90 -0.56 -37.33 -19.37
CA ASP C 90 -0.67 -37.81 -20.74
C ASP C 90 -0.24 -36.83 -21.78
N PHE C 91 0.23 -35.66 -21.36
CA PHE C 91 0.64 -34.65 -22.30
C PHE C 91 2.13 -34.47 -22.17
N ASP C 92 2.80 -34.42 -23.31
CA ASP C 92 4.25 -34.22 -23.34
C ASP C 92 4.60 -32.77 -23.26
N ILE C 93 4.23 -32.11 -22.17
CA ILE C 93 4.40 -30.65 -22.10
C ILE C 93 5.63 -30.29 -21.32
N VAL C 94 5.94 -29.01 -21.32
CA VAL C 94 7.14 -28.46 -20.65
C VAL C 94 6.99 -28.56 -19.11
N GLY C 95 5.81 -28.26 -18.58
CA GLY C 95 5.65 -28.16 -17.13
C GLY C 95 4.22 -27.81 -16.72
N ILE C 96 3.90 -27.90 -15.44
CA ILE C 96 2.68 -27.28 -14.97
C ILE C 96 3.06 -26.06 -14.12
N ALA C 97 2.04 -25.24 -13.78
CA ALA C 97 2.27 -24.02 -12.98
C ALA C 97 1.08 -23.77 -12.06
N SER C 98 1.27 -22.91 -11.05
CA SER C 98 0.14 -22.43 -10.28
C SER C 98 0.53 -21.05 -9.71
N TYR C 99 -0.40 -20.12 -9.77
CA TYR C 99 -0.39 -18.97 -8.87
C TYR C 99 -0.70 -19.44 -7.42
N ALA C 100 -0.44 -18.57 -6.44
CA ALA C 100 -0.75 -18.84 -5.05
C ALA C 100 -2.25 -18.74 -4.94
N PRO C 101 -2.82 -19.44 -3.95
CA PRO C 101 -4.26 -19.32 -3.65
C PRO C 101 -4.64 -17.85 -3.53
N TYR C 102 -5.63 -17.45 -4.32
CA TYR C 102 -5.94 -16.03 -4.34
C TYR C 102 -7.09 -15.71 -3.37
N TYR C 103 -7.49 -14.41 -3.35
CA TYR C 103 -8.65 -13.89 -2.57
C TYR C 103 -8.41 -13.84 -1.07
N TYR C 104 -8.29 -14.99 -0.42
CA TYR C 104 -8.18 -15.03 1.05
C TYR C 104 -6.90 -14.33 1.51
N PRO C 105 -7.05 -13.29 2.30
CA PRO C 105 -5.89 -12.55 2.82
C PRO C 105 -5.27 -13.24 4.04
N ARG C 106 -4.04 -12.87 4.39
CA ARG C 106 -3.41 -13.35 5.64
C ARG C 106 -3.36 -14.87 5.66
N MET C 107 -3.02 -15.52 4.56
CA MET C 107 -2.74 -16.96 4.62
C MET C 107 -1.32 -17.18 5.16
N SER C 108 -1.16 -18.14 6.06
CA SER C 108 0.18 -18.37 6.66
C SER C 108 1.18 -18.89 5.61
N GLU C 109 2.44 -18.50 5.78
CA GLU C 109 3.55 -19.12 5.09
C GLU C 109 3.45 -20.65 5.04
N LYS C 110 3.27 -21.29 6.18
CA LYS C 110 3.16 -22.74 6.24
C LYS C 110 2.07 -23.27 5.32
N HIS C 111 0.91 -22.62 5.30
CA HIS C 111 -0.17 -23.13 4.46
C HIS C 111 0.15 -22.91 2.99
N LEU C 112 0.80 -21.80 2.68
CA LEU C 112 1.20 -21.52 1.30
C LEU C 112 2.26 -22.50 0.77
N VAL C 113 3.23 -22.81 1.63
CA VAL C 113 4.29 -23.75 1.30
C VAL C 113 3.62 -25.13 1.09
N LYS C 114 2.69 -25.47 1.99
CA LYS C 114 2.02 -26.77 1.89
C LYS C 114 1.23 -26.93 0.55
N TYR C 115 0.52 -25.87 0.17
CA TYR C 115 -0.17 -25.84 -1.12
C TYR C 115 0.79 -26.18 -2.27
N PHE C 116 1.94 -25.51 -2.33
CA PHE C 116 2.81 -25.76 -3.47
C PHE C 116 3.53 -27.08 -3.41
N LYS C 117 3.95 -27.50 -2.21
CA LYS C 117 4.53 -28.84 -2.03
C LYS C 117 3.60 -29.98 -2.44
N THR C 118 2.33 -29.82 -2.10
CA THR C 118 1.32 -30.76 -2.46
C THR C 118 1.22 -30.91 -3.97
N LEU C 119 1.21 -29.82 -4.73
CA LEU C 119 1.21 -29.95 -6.19
C LEU C 119 2.53 -30.56 -6.73
N CYS C 120 3.67 -30.12 -6.21
CA CYS C 120 4.93 -30.73 -6.61
C CYS C 120 4.93 -32.28 -6.37
N GLU C 121 4.39 -32.72 -5.23
CA GLU C 121 4.36 -34.14 -4.89
C GLU C 121 3.56 -34.96 -5.91
N VAL C 122 2.47 -34.43 -6.43
CA VAL C 122 1.69 -35.20 -7.40
C VAL C 122 2.02 -34.91 -8.86
N SER C 123 2.87 -33.95 -9.14
CA SER C 123 3.02 -33.53 -10.54
C SER C 123 3.93 -34.48 -11.33
N PRO C 124 3.48 -34.85 -12.55
CA PRO C 124 4.26 -35.71 -13.45
C PRO C 124 5.20 -34.88 -14.30
N HIS C 125 5.21 -33.57 -14.07
CA HIS C 125 5.98 -32.64 -14.88
C HIS C 125 6.67 -31.64 -13.99
N PRO C 126 7.69 -30.97 -14.49
CA PRO C 126 8.28 -29.85 -13.78
C PRO C 126 7.22 -28.79 -13.44
N VAL C 127 7.43 -28.17 -12.29
CA VAL C 127 6.45 -27.20 -11.71
C VAL C 127 7.01 -25.75 -11.73
N TYR C 128 6.24 -24.84 -12.31
CA TYR C 128 6.66 -23.45 -12.37
C TYR C 128 5.86 -22.66 -11.37
N LEU C 129 6.55 -21.78 -10.62
CA LEU C 129 5.82 -20.87 -9.73
C LEU C 129 5.30 -19.69 -10.55
N TYR C 130 4.02 -19.34 -10.47
CA TYR C 130 3.52 -18.09 -11.08
C TYR C 130 3.32 -17.14 -9.87
N ASN C 131 4.25 -16.21 -9.70
CA ASN C 131 4.18 -15.29 -8.57
C ASN C 131 3.53 -13.97 -9.05
N TYR C 132 2.37 -13.62 -8.50
CA TYR C 132 1.69 -12.39 -8.91
C TYR C 132 1.04 -11.75 -7.68
N PRO C 133 1.80 -11.02 -6.87
CA PRO C 133 1.28 -10.52 -5.57
C PRO C 133 0.08 -9.61 -5.71
N THR C 134 0.05 -8.79 -6.76
CA THR C 134 -1.09 -7.85 -6.88
C THR C 134 -2.41 -8.62 -7.04
N ALA C 135 -2.40 -9.67 -7.88
CA ALA C 135 -3.63 -10.40 -8.17
C ALA C 135 -3.97 -11.31 -7.04
N THR C 136 -2.99 -11.99 -6.43
CA THR C 136 -3.35 -13.08 -5.51
C THR C 136 -3.36 -12.60 -4.07
N GLY C 137 -2.72 -11.50 -3.76
CA GLY C 137 -2.74 -10.96 -2.39
C GLY C 137 -1.55 -11.45 -1.64
N LYS C 138 -0.72 -12.30 -2.26
CA LYS C 138 0.43 -12.71 -1.49
C LYS C 138 1.64 -12.89 -2.37
N ASP C 139 2.80 -12.97 -1.73
CA ASP C 139 4.06 -13.00 -2.44
C ASP C 139 4.81 -14.25 -2.08
N ILE C 140 5.23 -14.99 -3.10
CA ILE C 140 6.02 -16.18 -2.85
C ILE C 140 7.41 -15.82 -3.36
N ASP C 141 8.22 -15.24 -2.47
CA ASP C 141 9.46 -14.60 -2.92
C ASP C 141 10.62 -15.64 -3.03
N ALA C 142 11.83 -15.17 -3.35
CA ALA C 142 12.91 -16.07 -3.67
C ALA C 142 13.19 -16.98 -2.52
N LYS C 143 13.04 -16.45 -1.32
CA LYS C 143 13.34 -17.25 -0.14
C LYS C 143 12.22 -18.29 0.14
N VAL C 144 10.97 -17.88 -0.05
CA VAL C 144 9.88 -18.83 0.10
C VAL C 144 9.99 -19.91 -1.00
N ALA C 145 10.34 -19.49 -2.22
CA ALA C 145 10.53 -20.46 -3.33
C ALA C 145 11.64 -21.43 -3.02
N LYS C 146 12.77 -20.93 -2.51
CA LYS C 146 13.88 -21.79 -2.06
C LYS C 146 13.36 -22.80 -1.00
N GLU C 147 12.61 -22.31 0.00
CA GLU C 147 11.96 -23.19 0.99
C GLU C 147 11.08 -24.32 0.43
N ILE C 148 10.24 -23.99 -0.54
CA ILE C 148 9.39 -24.97 -1.18
C ILE C 148 10.27 -26.01 -1.92
N GLY C 149 11.36 -25.54 -2.54
CA GLY C 149 12.47 -26.40 -3.00
C GLY C 149 12.20 -27.19 -4.27
N CYS C 150 11.04 -27.05 -4.88
CA CYS C 150 10.75 -27.93 -6.02
C CYS C 150 10.39 -27.23 -7.31
N PHE C 151 10.61 -25.92 -7.42
CA PHE C 151 10.20 -25.21 -8.65
C PHE C 151 11.30 -25.29 -9.69
N THR C 152 10.94 -25.57 -10.94
CA THR C 152 11.88 -25.52 -12.09
C THR C 152 12.06 -24.11 -12.62
N GLY C 153 10.98 -23.33 -12.50
CA GLY C 153 11.11 -21.93 -12.85
C GLY C 153 10.08 -21.09 -12.15
N VAL C 154 10.12 -19.79 -12.43
CA VAL C 154 9.17 -18.85 -11.80
C VAL C 154 8.87 -17.82 -12.84
N LYS C 155 7.59 -17.49 -12.92
CA LYS C 155 7.22 -16.28 -13.61
C LYS C 155 6.88 -15.22 -12.52
N ASP C 156 7.61 -14.13 -12.52
CA ASP C 156 7.46 -13.11 -11.50
C ASP C 156 6.78 -11.89 -12.07
N THR C 157 5.51 -11.72 -11.77
CA THR C 157 4.79 -10.56 -12.29
C THR C 157 4.77 -9.55 -11.15
N ILE C 158 5.66 -8.59 -11.23
CA ILE C 158 5.79 -7.62 -10.16
C ILE C 158 6.51 -6.39 -10.71
N GLU C 159 6.31 -5.26 -10.05
CA GLU C 159 6.97 -4.03 -10.43
C GLU C 159 8.13 -3.87 -9.46
N ASN C 160 9.19 -4.65 -9.70
CA ASN C 160 10.37 -4.64 -8.83
C ASN C 160 11.35 -5.70 -9.36
N ILE C 161 12.19 -5.33 -10.31
CA ILE C 161 13.14 -6.31 -10.86
C ILE C 161 14.18 -6.75 -9.84
N ILE C 162 14.38 -5.99 -8.75
CA ILE C 162 15.25 -6.56 -7.71
C ILE C 162 14.66 -7.89 -7.18
N HIS C 163 13.36 -7.87 -6.93
CA HIS C 163 12.66 -9.05 -6.44
C HIS C 163 12.88 -10.24 -7.46
N THR C 164 12.80 -9.96 -8.75
CA THR C 164 12.91 -11.02 -9.76
C THR C 164 14.35 -11.60 -9.80
N LEU C 165 15.31 -10.71 -9.78
CA LEU C 165 16.72 -11.10 -9.66
C LEU C 165 17.05 -11.93 -8.43
N ASP C 166 16.37 -11.68 -7.33
CA ASP C 166 16.61 -12.45 -6.13
C ASP C 166 16.32 -13.92 -6.32
N TYR C 167 15.31 -14.26 -7.13
CA TYR C 167 15.12 -15.67 -7.44
C TYR C 167 16.41 -16.33 -7.98
N LYS C 168 17.04 -15.68 -8.95
CA LYS C 168 18.31 -16.14 -9.55
C LYS C 168 19.44 -16.22 -8.49
N ARG C 169 19.52 -15.20 -7.66
CA ARG C 169 20.51 -15.14 -6.59
C ARG C 169 20.36 -16.26 -5.58
N LEU C 170 19.16 -16.51 -5.10
CA LEU C 170 18.97 -17.54 -4.11
C LEU C 170 18.74 -18.94 -4.72
N ASN C 171 18.43 -19.02 -6.02
CA ASN C 171 18.15 -20.31 -6.66
C ASN C 171 18.83 -20.31 -8.01
N PRO C 172 20.16 -20.49 -8.01
CA PRO C 172 20.95 -20.37 -9.24
C PRO C 172 20.51 -21.27 -10.40
N ASN C 173 19.85 -22.39 -10.15
CA ASN C 173 19.48 -23.22 -11.30
C ASN C 173 18.02 -23.03 -11.78
N MET C 174 17.29 -22.12 -11.12
CA MET C 174 15.91 -21.86 -11.50
C MET C 174 15.82 -21.08 -12.77
N LEU C 175 14.86 -21.43 -13.63
CA LEU C 175 14.57 -20.57 -14.77
C LEU C 175 13.77 -19.34 -14.21
N VAL C 176 14.18 -18.11 -14.51
CA VAL C 176 13.52 -16.97 -13.90
C VAL C 176 13.00 -16.06 -14.99
N TYR C 177 11.69 -15.91 -15.07
CA TYR C 177 11.06 -15.06 -16.12
C TYR C 177 10.37 -13.88 -15.47
N SER C 178 10.36 -12.75 -16.18
CA SER C 178 9.55 -11.60 -15.79
C SER C 178 8.18 -11.69 -16.47
N GLY C 179 7.12 -11.38 -15.72
CA GLY C 179 5.79 -11.23 -16.31
C GLY C 179 5.54 -9.89 -17.00
N SER C 180 6.55 -9.07 -17.25
CA SER C 180 6.28 -7.82 -17.94
C SER C 180 6.70 -7.76 -19.40
N ASP C 181 5.84 -7.15 -20.24
CA ASP C 181 6.20 -6.75 -21.60
C ASP C 181 7.23 -5.58 -21.64
N MET C 182 7.25 -4.77 -20.60
CA MET C 182 8.06 -3.56 -20.62
C MET C 182 9.54 -3.84 -20.26
N LEU C 183 9.79 -5.07 -19.77
CA LEU C 183 11.14 -5.47 -19.35
C LEU C 183 11.85 -6.48 -20.28
N ILE C 184 11.39 -6.63 -21.51
CA ILE C 184 12.05 -7.59 -22.44
C ILE C 184 13.48 -7.19 -22.73
N ALA C 185 13.72 -5.93 -23.06
CA ALA C 185 15.10 -5.53 -23.37
C ALA C 185 15.96 -5.71 -22.11
N THR C 186 15.43 -5.30 -20.93
CA THR C 186 16.17 -5.37 -19.70
C THR C 186 16.49 -6.77 -19.24
N VAL C 187 15.45 -7.60 -19.23
CA VAL C 187 15.61 -8.97 -18.84
C VAL C 187 16.71 -9.67 -19.66
N ALA C 188 16.67 -9.50 -20.98
CA ALA C 188 17.68 -10.10 -21.84
C ALA C 188 19.10 -9.50 -21.64
N SER C 189 19.15 -8.22 -21.27
N SER C 189 19.20 -8.22 -21.28
CA SER C 189 20.41 -7.54 -20.98
CA SER C 189 20.54 -7.67 -21.01
C SER C 189 21.04 -7.93 -19.62
C SER C 189 21.09 -8.08 -19.63
N THR C 190 20.23 -8.39 -18.68
CA THR C 190 20.69 -8.58 -17.32
C THR C 190 20.86 -10.01 -16.86
N GLY C 191 20.78 -10.97 -17.79
CA GLY C 191 21.02 -12.38 -17.48
C GLY C 191 19.84 -13.15 -16.87
N LEU C 192 18.64 -12.65 -17.04
CA LEU C 192 17.47 -13.43 -16.65
C LEU C 192 17.00 -14.30 -17.86
N ASP C 193 16.04 -15.19 -17.65
CA ASP C 193 15.72 -16.16 -18.67
C ASP C 193 14.64 -15.80 -19.68
N GLY C 194 13.98 -14.67 -19.49
CA GLY C 194 13.09 -14.18 -20.51
C GLY C 194 11.81 -13.61 -19.88
N ASN C 195 10.76 -13.50 -20.71
CA ASN C 195 9.54 -12.83 -20.31
C ASN C 195 8.34 -13.64 -20.72
N VAL C 196 7.36 -13.69 -19.84
CA VAL C 196 6.06 -14.25 -20.19
C VAL C 196 5.24 -12.99 -20.41
N ALA C 197 5.01 -12.66 -21.67
CA ALA C 197 4.58 -11.33 -22.05
C ALA C 197 3.17 -11.33 -22.72
N ALA C 198 2.17 -10.72 -22.07
CA ALA C 198 0.79 -10.71 -22.57
C ALA C 198 0.79 -10.10 -23.95
N GLY C 199 1.63 -9.11 -24.14
CA GLY C 199 1.65 -8.29 -25.34
C GLY C 199 2.21 -9.11 -26.49
N SER C 200 2.80 -10.25 -26.20
CA SER C 200 3.29 -11.09 -27.31
C SER C 200 2.12 -11.83 -28.00
N ASN C 201 0.93 -11.79 -27.39
CA ASN C 201 -0.28 -12.27 -28.06
C ASN C 201 -0.53 -11.51 -29.34
N TYR C 202 -0.36 -10.17 -29.28
CA TYR C 202 -0.72 -9.36 -30.42
C TYR C 202 0.47 -8.84 -31.22
N LEU C 203 1.63 -8.73 -30.57
CA LEU C 203 2.83 -8.38 -31.30
C LEU C 203 3.95 -9.38 -31.06
N PRO C 204 3.75 -10.64 -31.41
CA PRO C 204 4.83 -11.61 -31.15
C PRO C 204 6.12 -11.15 -31.85
N GLU C 205 6.00 -10.50 -33.04
CA GLU C 205 7.16 -10.14 -33.89
C GLU C 205 8.00 -9.08 -33.16
N VAL C 206 7.30 -8.11 -32.56
CA VAL C 206 7.95 -7.11 -31.73
C VAL C 206 8.68 -7.71 -30.52
N THR C 207 8.04 -8.58 -29.77
CA THR C 207 8.65 -9.10 -28.55
C THR C 207 9.89 -9.91 -28.85
N VAL C 208 9.86 -10.69 -29.93
CA VAL C 208 10.99 -11.51 -30.35
C VAL C 208 12.13 -10.64 -30.83
N THR C 209 11.81 -9.54 -31.51
CA THR C 209 12.82 -8.66 -32.04
C THR C 209 13.54 -7.88 -30.92
N ILE C 210 12.78 -7.37 -29.94
CA ILE C 210 13.42 -6.69 -28.80
C ILE C 210 14.44 -7.63 -28.18
N LYS C 211 13.99 -8.87 -27.94
CA LYS C 211 14.83 -9.86 -27.31
C LYS C 211 16.14 -10.11 -28.13
N LYS C 212 15.95 -10.30 -29.44
CA LYS C 212 17.08 -10.56 -30.33
C LYS C 212 18.07 -9.36 -30.33
N LEU C 213 17.56 -8.15 -30.54
CA LEU C 213 18.40 -6.97 -30.46
C LEU C 213 19.19 -6.86 -29.13
N ALA C 214 18.52 -7.15 -27.97
CA ALA C 214 19.20 -7.12 -26.68
C ALA C 214 20.31 -8.19 -26.58
N MET C 215 19.97 -9.42 -26.99
N MET C 215 20.01 -9.41 -27.00
CA MET C 215 20.91 -10.53 -27.07
CA MET C 215 21.00 -10.49 -26.99
C MET C 215 22.18 -10.15 -27.86
C MET C 215 22.20 -10.21 -27.91
N GLU C 216 22.00 -9.44 -28.98
CA GLU C 216 23.11 -8.94 -29.85
C GLU C 216 23.84 -7.73 -29.24
N ARG C 217 23.41 -7.31 -28.05
CA ARG C 217 24.04 -6.20 -27.35
C ARG C 217 23.87 -4.85 -28.09
N LYS C 218 22.76 -4.74 -28.82
CA LYS C 218 22.33 -3.50 -29.49
C LYS C 218 21.26 -2.86 -28.64
N ILE C 219 21.71 -2.37 -27.49
CA ILE C 219 20.77 -2.00 -26.44
C ILE C 219 20.01 -0.72 -26.79
N ASP C 220 20.67 0.22 -27.48
CA ASP C 220 19.95 1.39 -27.94
C ASP C 220 18.84 1.04 -28.93
N GLU C 221 19.09 0.07 -29.81
CA GLU C 221 18.07 -0.37 -30.77
C GLU C 221 16.98 -1.16 -30.06
N ALA C 222 17.39 -2.04 -29.16
CA ALA C 222 16.43 -2.81 -28.36
C ALA C 222 15.48 -1.86 -27.58
N LEU C 223 16.02 -0.77 -27.02
CA LEU C 223 15.22 0.12 -26.17
C LEU C 223 14.28 0.98 -27.00
N LYS C 224 14.79 1.46 -28.14
CA LYS C 224 13.93 2.17 -29.06
C LYS C 224 12.68 1.31 -29.39
N LEU C 225 12.89 0.02 -29.67
CA LEU C 225 11.78 -0.86 -29.98
C LEU C 225 10.93 -1.23 -28.72
N GLN C 226 11.60 -1.49 -27.60
CA GLN C 226 10.91 -1.64 -26.31
C GLN C 226 9.97 -0.49 -25.99
N PHE C 227 10.45 0.75 -26.18
CA PHE C 227 9.67 1.96 -25.86
C PHE C 227 8.43 2.11 -26.75
N LEU C 228 8.62 1.76 -28.02
CA LEU C 228 7.48 1.64 -28.94
C LEU C 228 6.44 0.63 -28.44
N HIS C 229 6.88 -0.60 -28.14
CA HIS C 229 5.99 -1.60 -27.53
C HIS C 229 5.31 -1.09 -26.23
N ASP C 230 6.04 -0.40 -25.36
CA ASP C 230 5.45 0.17 -24.12
C ASP C 230 4.19 1.00 -24.41
N GLU C 231 4.24 1.76 -25.51
CA GLU C 231 3.12 2.63 -25.88
C GLU C 231 1.89 1.84 -26.25
N VAL C 232 2.10 0.68 -26.89
CA VAL C 232 0.99 -0.22 -27.16
C VAL C 232 0.41 -0.77 -25.85
N ILE C 233 1.30 -1.20 -24.94
CA ILE C 233 0.87 -1.72 -23.63
C ILE C 233 0.01 -0.67 -22.92
N GLU C 234 0.50 0.57 -22.95
CA GLU C 234 -0.17 1.67 -22.32
C GLU C 234 -1.53 1.90 -22.96
N ALA C 235 -1.60 1.87 -24.27
CA ALA C 235 -2.90 2.05 -24.94
C ALA C 235 -3.88 0.98 -24.48
N SER C 236 -3.39 -0.25 -24.33
CA SER C 236 -4.21 -1.38 -23.96
C SER C 236 -4.83 -1.24 -22.60
N ARG C 237 -4.20 -0.45 -21.74
CA ARG C 237 -4.71 -0.23 -20.39
C ARG C 237 -5.80 0.81 -20.32
N ILE C 238 -5.94 1.65 -21.34
CA ILE C 238 -7.00 2.66 -21.28
C ILE C 238 -8.41 2.08 -21.00
N PHE C 239 -8.84 1.05 -21.72
CA PHE C 239 -10.17 0.51 -21.45
C PHE C 239 -10.10 -0.85 -20.75
N GLY C 240 -8.88 -1.26 -20.37
CA GLY C 240 -8.70 -2.48 -19.61
C GLY C 240 -7.95 -3.48 -20.46
N SER C 241 -6.76 -3.89 -20.01
CA SER C 241 -5.86 -4.66 -20.86
C SER C 241 -6.40 -6.01 -21.28
N LEU C 242 -7.04 -6.72 -20.33
CA LEU C 242 -7.50 -8.06 -20.57
C LEU C 242 -8.55 -8.06 -21.67
N SER C 243 -9.39 -7.04 -21.70
CA SER C 243 -10.38 -6.90 -22.79
C SER C 243 -9.68 -6.42 -24.02
N SER C 244 -8.79 -5.44 -23.88
CA SER C 244 -8.19 -4.84 -25.09
C SER C 244 -7.29 -5.76 -25.87
N ASN C 245 -6.72 -6.75 -25.19
CA ASN C 245 -5.81 -7.73 -25.82
C ASN C 245 -6.45 -8.46 -27.01
N TYR C 246 -7.77 -8.67 -26.91
CA TYR C 246 -8.55 -9.31 -27.98
C TYR C 246 -8.52 -8.44 -29.19
N VAL C 247 -8.93 -7.18 -29.02
CA VAL C 247 -9.01 -6.19 -30.08
C VAL C 247 -7.61 -5.95 -30.77
N LEU C 248 -6.55 -5.83 -29.95
CA LEU C 248 -5.21 -5.64 -30.50
C LEU C 248 -4.76 -6.86 -31.28
N THR C 249 -5.13 -8.04 -30.85
CA THR C 249 -4.67 -9.24 -31.54
C THR C 249 -5.29 -9.29 -32.95
N LYS C 250 -6.60 -9.02 -33.00
CA LYS C 250 -7.31 -8.93 -34.28
C LYS C 250 -6.68 -7.87 -35.18
N TYR C 251 -6.42 -6.69 -34.64
CA TYR C 251 -5.88 -5.57 -35.40
C TYR C 251 -4.47 -5.82 -35.92
N PHE C 252 -3.61 -6.51 -35.15
CA PHE C 252 -2.22 -6.61 -35.56
C PHE C 252 -1.99 -7.93 -36.28
N GLN C 253 -2.65 -8.99 -35.82
CA GLN C 253 -2.47 -10.31 -36.40
C GLN C 253 -3.52 -10.71 -37.48
N GLY C 254 -4.64 -10.00 -37.57
CA GLY C 254 -5.57 -10.20 -38.66
C GLY C 254 -6.61 -11.30 -38.49
N TYR C 255 -6.67 -11.98 -37.33
CA TYR C 255 -7.74 -12.94 -37.07
C TYR C 255 -8.47 -12.61 -35.79
N ASP C 256 -9.67 -13.18 -35.68
CA ASP C 256 -10.56 -12.87 -34.57
C ASP C 256 -10.32 -13.79 -33.37
N LEU C 257 -10.44 -13.27 -32.15
CA LEU C 257 -10.30 -14.17 -30.98
C LEU C 257 -11.54 -14.10 -30.12
N GLY C 258 -12.66 -13.71 -30.73
CA GLY C 258 -13.93 -13.75 -30.07
C GLY C 258 -13.97 -12.78 -28.93
N TYR C 259 -14.42 -13.28 -27.76
CA TYR C 259 -14.79 -12.45 -26.61
C TYR C 259 -14.00 -12.93 -25.37
N PRO C 260 -13.80 -12.05 -24.39
CA PRO C 260 -13.40 -12.42 -23.02
C PRO C 260 -14.60 -12.95 -22.28
N ARG C 261 -14.46 -13.42 -21.04
CA ARG C 261 -15.64 -13.82 -20.29
C ARG C 261 -16.01 -12.72 -19.23
N PRO C 262 -17.23 -12.15 -19.30
CA PRO C 262 -17.72 -11.21 -18.27
C PRO C 262 -17.64 -11.86 -16.91
N PRO C 263 -17.18 -11.12 -15.91
CA PRO C 263 -17.04 -9.63 -15.94
C PRO C 263 -15.82 -8.96 -16.57
N ILE C 264 -15.05 -9.72 -17.35
CA ILE C 264 -14.06 -9.09 -18.23
C ILE C 264 -14.86 -8.82 -19.50
N PHE C 265 -15.43 -7.63 -19.58
CA PHE C 265 -16.36 -7.32 -20.66
C PHE C 265 -15.64 -6.94 -21.95
N PRO C 266 -16.22 -7.33 -23.10
CA PRO C 266 -15.66 -6.92 -24.40
C PRO C 266 -15.62 -5.43 -24.53
N LEU C 267 -14.64 -4.90 -25.26
CA LEU C 267 -14.71 -3.49 -25.59
C LEU C 267 -15.96 -3.25 -26.49
N ASP C 268 -16.60 -2.09 -26.31
CA ASP C 268 -17.64 -1.67 -27.28
C ASP C 268 -17.02 -1.02 -28.53
N ASP C 269 -17.86 -0.67 -29.50
CA ASP C 269 -17.39 -0.17 -30.79
C ASP C 269 -16.56 1.09 -30.68
N GLU C 270 -17.03 2.01 -29.85
CA GLU C 270 -16.35 3.28 -29.69
C GLU C 270 -15.00 3.11 -28.94
N GLU C 271 -14.95 2.22 -27.95
CA GLU C 271 -13.69 1.94 -27.23
C GLU C 271 -12.70 1.32 -28.20
N GLU C 272 -13.18 0.38 -29.00
CA GLU C 272 -12.36 -0.32 -29.97
C GLU C 272 -11.81 0.69 -30.97
N ARG C 273 -12.68 1.59 -31.43
CA ARG C 273 -12.28 2.61 -32.37
C ARG C 273 -11.25 3.57 -31.73
N GLN C 274 -11.48 4.01 -30.49
CA GLN C 274 -10.50 4.87 -29.83
C GLN C 274 -9.15 4.14 -29.61
N LEU C 275 -9.23 2.83 -29.35
CA LEU C 275 -8.03 2.07 -29.09
C LEU C 275 -7.18 2.05 -30.35
N ILE C 276 -7.83 1.72 -31.46
CA ILE C 276 -7.09 1.55 -32.71
C ILE C 276 -6.50 2.90 -33.12
N LYS C 277 -7.25 3.98 -32.86
CA LYS C 277 -6.76 5.30 -33.16
C LYS C 277 -5.43 5.51 -32.40
N LYS C 278 -5.33 4.93 -31.20
CA LYS C 278 -4.11 5.08 -30.39
C LYS C 278 -2.88 4.30 -30.91
N VAL C 279 -3.11 3.22 -31.63
CA VAL C 279 -1.99 2.37 -32.04
C VAL C 279 -1.80 2.27 -33.57
N GLU C 280 -2.64 2.95 -34.33
CA GLU C 280 -2.54 2.92 -35.80
C GLU C 280 -1.26 3.52 -36.34
N GLY C 281 -0.78 4.60 -35.75
CA GLY C 281 0.51 5.17 -36.13
C GLY C 281 1.66 4.28 -35.73
N ILE C 282 1.51 3.53 -34.64
CA ILE C 282 2.55 2.57 -34.26
C ILE C 282 2.62 1.41 -35.25
N ARG C 283 1.44 0.90 -35.67
N ARG C 283 1.46 0.89 -35.67
CA ARG C 283 1.35 -0.14 -36.69
CA ARG C 283 1.44 -0.16 -36.69
C ARG C 283 2.07 0.28 -37.99
C ARG C 283 2.16 0.31 -37.96
N ALA C 284 1.83 1.51 -38.42
CA ALA C 284 2.49 2.09 -39.61
C ALA C 284 4.01 2.09 -39.40
N LYS C 285 4.47 2.56 -38.24
CA LYS C 285 5.91 2.53 -37.95
C LYS C 285 6.45 1.09 -38.12
N LEU C 286 5.83 0.13 -37.42
CA LEU C 286 6.31 -1.26 -37.45
C LEU C 286 6.32 -1.82 -38.87
N VAL C 287 5.36 -1.43 -39.71
CA VAL C 287 5.30 -1.85 -41.13
C VAL C 287 6.43 -1.21 -41.93
N GLU C 288 6.49 0.13 -41.91
CA GLU C 288 7.68 0.84 -42.41
C GLU C 288 9.02 0.20 -41.93
N LEU C 289 9.10 -0.26 -40.69
CA LEU C 289 10.35 -0.90 -40.23
C LEU C 289 10.55 -2.36 -40.68
N LYS C 290 9.56 -2.90 -41.38
CA LYS C 290 9.55 -4.29 -41.89
C LYS C 290 9.44 -5.32 -40.77
N ILE C 291 9.18 -4.85 -39.54
CA ILE C 291 8.88 -5.73 -38.39
C ILE C 291 7.52 -6.39 -38.54
N LEU C 292 6.48 -5.65 -38.92
CA LEU C 292 5.19 -6.24 -39.34
C LEU C 292 5.09 -6.26 -40.85
N LYS C 293 4.40 -7.26 -41.41
CA LYS C 293 4.25 -7.33 -42.85
C LYS C 293 3.23 -6.37 -43.45
N GLU C 294 2.02 -6.38 -42.91
CA GLU C 294 0.82 -5.82 -43.58
C GLU C 294 0.33 -6.73 -44.74
N PRO D 2 -15.71 13.71 26.35
CA PRO D 2 -14.63 13.92 25.37
C PRO D 2 -14.44 15.38 25.02
N GLU D 3 -13.34 15.68 24.32
CA GLU D 3 -12.88 17.03 24.05
C GLU D 3 -12.75 17.25 22.55
N ILE D 4 -12.76 18.52 22.15
CA ILE D 4 -12.41 18.86 20.78
C ILE D 4 -11.18 19.70 20.96
N ILE D 5 -10.13 19.33 20.24
CA ILE D 5 -8.86 20.02 20.33
C ILE D 5 -8.51 20.54 18.94
N THR D 6 -8.12 21.80 18.84
CA THR D 6 -7.82 22.35 17.53
C THR D 6 -6.35 22.27 17.28
N PRO D 7 -5.95 21.62 16.17
CA PRO D 7 -4.56 21.74 15.76
C PRO D 7 -4.46 23.09 15.07
N ILE D 8 -4.01 24.09 15.82
CA ILE D 8 -4.11 25.47 15.33
C ILE D 8 -3.25 25.80 14.08
N ILE D 9 -3.87 26.47 13.13
CA ILE D 9 -3.17 26.93 11.94
C ILE D 9 -2.13 27.97 12.36
N THR D 10 -1.00 27.99 11.68
CA THR D 10 0.02 29.02 11.82
C THR D 10 -0.14 30.07 10.70
N PRO D 11 -0.50 31.30 11.05
CA PRO D 11 -0.59 32.36 10.02
C PRO D 11 0.80 32.90 9.70
N PHE D 12 1.14 32.97 8.44
CA PHE D 12 2.40 33.59 8.04
C PHE D 12 2.15 34.94 7.34
N THR D 13 3.10 35.88 7.48
CA THR D 13 3.08 37.12 6.71
C THR D 13 3.50 36.85 5.29
N LYS D 14 3.46 37.89 4.45
CA LYS D 14 3.88 37.74 3.05
C LYS D 14 5.40 37.56 2.89
N ASP D 15 6.17 38.05 3.86
CA ASP D 15 7.58 37.67 3.88
C ASP D 15 7.88 36.46 4.81
N ASN D 16 6.86 35.60 5.01
CA ASN D 16 7.13 34.26 5.51
C ASN D 16 7.62 34.19 6.97
N ARG D 17 7.08 35.07 7.81
CA ARG D 17 7.30 35.03 9.21
C ARG D 17 5.95 34.77 9.84
N ILE D 18 5.98 34.21 11.04
CA ILE D 18 4.77 33.97 11.83
C ILE D 18 4.11 35.30 12.19
N ASP D 19 2.82 35.38 11.87
CA ASP D 19 2.04 36.54 12.15
C ASP D 19 1.40 36.35 13.50
N LYS D 20 2.10 36.80 14.53
CA LYS D 20 1.68 36.56 15.92
C LYS D 20 0.34 37.14 16.28
N GLU D 21 0.04 38.33 15.77
CA GLU D 21 -1.22 38.97 16.08
C GLU D 21 -2.36 38.21 15.44
N LYS D 22 -2.24 37.81 14.18
CA LYS D 22 -3.34 37.00 13.63
C LYS D 22 -3.55 35.66 14.41
N LEU D 23 -2.47 35.08 14.92
CA LEU D 23 -2.52 33.80 15.67
C LEU D 23 -3.33 34.00 16.93
N LYS D 24 -3.00 35.06 17.66
CA LYS D 24 -3.73 35.37 18.91
C LYS D 24 -5.23 35.61 18.71
N ILE D 25 -5.62 36.36 17.68
CA ILE D 25 -7.07 36.54 17.40
C ILE D 25 -7.77 35.18 17.17
N HIS D 26 -7.08 34.33 16.41
CA HIS D 26 -7.65 33.04 16.04
C HIS D 26 -7.75 32.18 17.30
N ALA D 27 -6.68 32.08 18.06
CA ALA D 27 -6.68 31.29 19.30
C ALA D 27 -7.78 31.78 20.30
N GLU D 28 -7.90 33.12 20.43
CA GLU D 28 -8.89 33.72 21.33
C GLU D 28 -10.27 33.31 20.83
N ASN D 29 -10.49 33.44 19.52
CA ASN D 29 -11.83 33.02 19.01
C ASN D 29 -12.15 31.52 19.26
N LEU D 30 -11.20 30.63 19.01
CA LEU D 30 -11.44 29.18 19.21
C LEU D 30 -11.83 28.87 20.64
N ILE D 31 -11.08 29.40 21.62
CA ILE D 31 -11.40 29.23 23.07
C ILE D 31 -12.80 29.78 23.40
N ARG D 32 -13.15 30.95 22.85
CA ARG D 32 -14.49 31.56 23.12
C ARG D 32 -15.61 30.68 22.57
N LYS D 33 -15.33 30.00 21.45
CA LYS D 33 -16.37 29.13 20.84
C LYS D 33 -16.37 27.72 21.43
N GLY D 34 -15.68 27.54 22.56
CA GLY D 34 -15.76 26.29 23.34
C GLY D 34 -14.74 25.20 23.02
N ILE D 35 -13.73 25.51 22.23
CA ILE D 35 -12.70 24.50 21.96
C ILE D 35 -11.97 24.25 23.28
N ASP D 36 -11.69 23.01 23.58
CA ASP D 36 -11.09 22.65 24.87
C ASP D 36 -9.61 22.96 24.98
N LYS D 37 -8.82 22.59 23.97
CA LYS D 37 -7.35 22.76 23.99
C LYS D 37 -6.86 22.97 22.58
N LEU D 38 -5.64 23.48 22.44
CA LEU D 38 -5.09 23.88 21.14
C LEU D 38 -3.82 23.06 21.00
N PHE D 39 -3.66 22.39 19.85
CA PHE D 39 -2.46 21.60 19.60
C PHE D 39 -1.60 22.41 18.71
N VAL D 40 -0.43 22.80 19.20
CA VAL D 40 0.37 23.82 18.56
C VAL D 40 1.61 23.18 17.86
N ASN D 41 1.87 23.58 16.61
CA ASN D 41 2.91 22.97 15.77
C ASN D 41 2.57 21.56 15.26
N GLY D 42 1.28 21.30 15.08
CA GLY D 42 0.83 20.02 14.50
C GLY D 42 0.95 20.12 12.96
N THR D 43 0.44 19.11 12.26
CA THR D 43 0.43 19.14 10.82
C THR D 43 -0.27 20.38 10.27
N THR D 44 -1.43 20.65 10.85
CA THR D 44 -2.30 21.76 10.39
C THR D 44 -1.64 23.11 10.59
N GLY D 45 -0.79 23.17 11.61
CA GLY D 45 0.09 24.29 11.89
C GLY D 45 1.39 24.31 11.12
N LEU D 46 1.61 23.36 10.20
CA LEU D 46 2.84 23.22 9.45
C LEU D 46 4.05 23.06 10.35
N GLY D 47 3.88 22.35 11.47
CA GLY D 47 5.03 22.08 12.36
C GLY D 47 6.31 21.64 11.69
N PRO D 48 6.27 20.68 10.79
CA PRO D 48 7.50 20.26 10.13
C PRO D 48 8.16 21.38 9.31
N SER D 49 7.42 22.42 8.93
CA SER D 49 8.00 23.52 8.17
C SER D 49 8.60 24.61 9.06
N LEU D 50 8.48 24.45 10.38
CA LEU D 50 8.88 25.48 11.36
C LEU D 50 10.23 25.09 11.95
N SER D 51 11.19 26.02 12.01
CA SER D 51 12.42 25.83 12.81
C SER D 51 12.04 25.72 14.28
N PRO D 52 12.95 25.22 15.12
CA PRO D 52 12.70 25.13 16.57
C PRO D 52 12.38 26.50 17.19
N GLU D 53 13.06 27.54 16.74
CA GLU D 53 12.77 28.91 17.19
C GLU D 53 11.33 29.31 16.85
N GLU D 54 10.88 28.96 15.66
CA GLU D 54 9.51 29.26 15.27
C GLU D 54 8.51 28.41 16.08
N LYS D 55 8.81 27.13 16.26
CA LYS D 55 7.96 26.33 17.15
C LYS D 55 7.74 27.00 18.53
N LEU D 56 8.82 27.53 19.10
CA LEU D 56 8.74 28.25 20.41
C LEU D 56 7.98 29.58 20.30
N GLU D 57 8.25 30.33 19.25
CA GLU D 57 7.51 31.55 18.94
C GLU D 57 6.01 31.26 18.92
N ASN D 58 5.62 30.17 18.26
CA ASN D 58 4.20 29.79 18.22
C ASN D 58 3.64 29.58 19.60
N LEU D 59 4.43 28.90 20.45
CA LEU D 59 3.94 28.55 21.73
C LEU D 59 3.75 29.82 22.56
N LYS D 60 4.72 30.72 22.47
CA LYS D 60 4.65 31.96 23.26
C LYS D 60 3.48 32.79 22.91
N ALA D 61 3.13 32.91 21.61
CA ALA D 61 1.99 33.70 21.19
C ALA D 61 0.71 33.08 21.62
N VAL D 62 0.57 31.77 21.43
CA VAL D 62 -0.68 31.14 21.87
C VAL D 62 -0.80 31.20 23.43
N TYR D 63 0.33 31.04 24.12
CA TYR D 63 0.33 31.11 25.59
C TYR D 63 -0.15 32.49 26.14
N ASP D 64 0.08 33.54 25.35
CA ASP D 64 -0.46 34.88 25.63
C ASP D 64 -1.97 34.83 25.71
N VAL D 65 -2.60 33.90 24.97
CA VAL D 65 -4.06 33.77 25.01
C VAL D 65 -4.54 32.71 26.02
N THR D 66 -3.92 31.51 26.03
CA THR D 66 -4.45 30.45 26.88
C THR D 66 -3.34 29.55 27.33
N ASN D 67 -3.49 28.92 28.48
CA ASN D 67 -2.58 27.86 28.82
C ASN D 67 -3.03 26.45 28.36
N LYS D 68 -4.16 26.34 27.67
CA LYS D 68 -4.71 25.04 27.31
C LYS D 68 -4.00 24.51 26.04
N ILE D 69 -2.72 24.20 26.15
CA ILE D 69 -1.92 24.00 24.96
C ILE D 69 -1.24 22.63 25.03
N ILE D 70 -1.24 21.90 23.91
CA ILE D 70 -0.33 20.77 23.77
C ILE D 70 0.72 21.24 22.76
N PHE D 71 1.99 21.16 23.18
CA PHE D 71 3.07 21.84 22.45
C PHE D 71 3.85 20.78 21.66
N GLN D 72 3.71 20.76 20.33
CA GLN D 72 4.36 19.73 19.50
C GLN D 72 5.83 20.16 19.23
N VAL D 73 6.82 19.31 19.52
CA VAL D 73 8.22 19.69 19.54
C VAL D 73 9.14 18.81 18.66
N GLY D 74 8.55 17.88 17.92
CA GLY D 74 9.35 16.81 17.32
C GLY D 74 10.11 17.28 16.10
N GLY D 75 11.07 16.44 15.66
CA GLY D 75 11.81 16.75 14.48
C GLY D 75 12.96 15.79 14.38
N LEU D 76 13.88 16.10 13.49
CA LEU D 76 14.88 15.14 13.03
C LEU D 76 16.24 15.50 13.62
N ASN D 77 16.24 16.48 14.50
CA ASN D 77 17.38 16.75 15.33
C ASN D 77 16.91 16.62 16.76
N LEU D 78 17.26 15.52 17.39
CA LEU D 78 16.75 15.18 18.73
C LEU D 78 17.20 16.22 19.76
N ASP D 79 18.43 16.74 19.58
CA ASP D 79 18.89 17.84 20.46
C ASP D 79 17.97 19.03 20.47
N ASP D 80 17.48 19.50 19.31
CA ASP D 80 16.50 20.57 19.22
C ASP D 80 15.17 20.20 19.90
N ALA D 81 14.68 18.99 19.69
CA ALA D 81 13.43 18.56 20.32
C ALA D 81 13.55 18.56 21.88
N ILE D 82 14.70 18.09 22.40
CA ILE D 82 14.99 18.07 23.83
C ILE D 82 15.03 19.49 24.39
N ARG D 83 15.70 20.36 23.67
CA ARG D 83 15.77 21.74 24.05
C ARG D 83 14.37 22.34 24.19
N LEU D 84 13.52 22.07 23.21
CA LEU D 84 12.14 22.64 23.24
C LEU D 84 11.36 22.05 24.38
N ALA D 85 11.55 20.75 24.57
CA ALA D 85 10.91 20.08 25.66
C ALA D 85 11.30 20.71 27.02
N LYS D 86 12.61 20.87 27.24
CA LYS D 86 13.08 21.57 28.45
C LYS D 86 12.60 23.01 28.54
N LEU D 87 12.57 23.74 27.42
CA LEU D 87 12.09 25.13 27.45
C LEU D 87 10.61 25.26 27.90
N SER D 88 9.79 24.25 27.65
CA SER D 88 8.37 24.38 28.00
C SER D 88 8.17 24.32 29.52
N LYS D 89 9.26 24.16 30.28
CA LYS D 89 9.11 24.08 31.72
C LYS D 89 8.52 25.39 32.30
N ASP D 90 8.73 26.52 31.63
CA ASP D 90 8.24 27.78 32.14
C ASP D 90 6.79 28.08 31.74
N PHE D 91 6.12 27.08 31.15
CA PHE D 91 4.80 27.31 30.66
C PHE D 91 3.91 26.31 31.34
N ASP D 92 2.82 26.80 31.89
CA ASP D 92 1.88 25.98 32.66
C ASP D 92 0.87 25.34 31.70
N ILE D 93 1.33 24.43 30.84
CA ILE D 93 0.47 23.98 29.72
C ILE D 93 0.00 22.53 29.95
N VAL D 94 -0.76 21.98 29.03
CA VAL D 94 -1.31 20.62 29.19
C VAL D 94 -0.25 19.51 29.00
N GLY D 95 0.63 19.70 28.03
CA GLY D 95 1.52 18.62 27.65
C GLY D 95 2.43 19.02 26.52
N ILE D 96 3.46 18.22 26.27
CA ILE D 96 4.13 18.37 24.98
C ILE D 96 3.78 17.17 24.12
N ALA D 97 4.14 17.20 22.85
CA ALA D 97 3.83 16.09 21.96
C ALA D 97 4.92 15.90 20.96
N SER D 98 4.95 14.71 20.34
CA SER D 98 5.82 14.57 19.16
C SER D 98 5.29 13.53 18.21
N TYR D 99 5.41 13.83 16.91
CA TYR D 99 5.30 12.77 15.91
C TYR D 99 6.55 11.95 15.88
N ALA D 100 6.46 10.80 15.21
CA ALA D 100 7.65 9.97 15.02
C ALA D 100 8.58 10.70 14.08
N PRO D 101 9.90 10.45 14.17
CA PRO D 101 10.88 10.91 13.19
C PRO D 101 10.37 10.57 11.78
N TYR D 102 10.26 11.61 10.96
CA TYR D 102 9.69 11.39 9.61
C TYR D 102 10.74 11.23 8.56
N TYR D 103 10.26 11.03 7.32
CA TYR D 103 11.08 10.90 6.11
C TYR D 103 11.77 9.53 5.99
N TYR D 104 12.71 9.22 6.89
CA TYR D 104 13.57 8.05 6.73
C TYR D 104 12.74 6.80 6.88
N PRO D 105 12.73 5.94 5.87
CA PRO D 105 11.94 4.70 5.93
C PRO D 105 12.68 3.64 6.71
N ARG D 106 11.93 2.67 7.22
CA ARG D 106 12.54 1.50 7.87
C ARG D 106 13.50 1.84 9.04
N MET D 107 13.13 2.78 9.88
CA MET D 107 13.79 2.92 11.18
C MET D 107 13.41 1.77 12.12
N SER D 108 14.34 1.35 12.95
CA SER D 108 14.09 0.16 13.78
C SER D 108 13.14 0.53 14.93
N GLU D 109 12.30 -0.42 15.35
CA GLU D 109 11.50 -0.24 16.57
C GLU D 109 12.36 0.32 17.72
N LYS D 110 13.57 -0.23 17.86
CA LYS D 110 14.41 0.17 18.99
C LYS D 110 14.73 1.63 18.95
N HIS D 111 15.16 2.09 17.80
CA HIS D 111 15.47 3.50 17.63
C HIS D 111 14.24 4.38 17.84
N LEU D 112 13.09 3.98 17.32
CA LEU D 112 11.84 4.76 17.54
C LEU D 112 11.48 4.88 19.05
N VAL D 113 11.53 3.73 19.75
CA VAL D 113 11.25 3.70 21.19
C VAL D 113 12.27 4.61 21.91
N LYS D 114 13.56 4.46 21.59
CA LYS D 114 14.57 5.35 22.19
C LYS D 114 14.30 6.85 21.96
N TYR D 115 13.95 7.20 20.73
CA TYR D 115 13.58 8.62 20.44
C TYR D 115 12.55 9.14 21.45
N PHE D 116 11.46 8.41 21.59
CA PHE D 116 10.34 8.86 22.47
C PHE D 116 10.67 8.80 23.94
N LYS D 117 11.38 7.73 24.35
CA LYS D 117 11.79 7.64 25.76
C LYS D 117 12.71 8.76 26.14
N THR D 118 13.59 9.20 25.22
CA THR D 118 14.47 10.34 25.50
C THR D 118 13.67 11.61 25.76
N LEU D 119 12.66 11.85 24.93
CA LEU D 119 11.76 12.99 25.14
C LEU D 119 10.99 12.87 26.47
N CYS D 120 10.45 11.70 26.80
CA CYS D 120 9.80 11.54 28.11
C CYS D 120 10.73 11.81 29.27
N GLU D 121 11.98 11.39 29.14
CA GLU D 121 12.97 11.60 30.18
C GLU D 121 13.17 13.08 30.48
N VAL D 122 13.17 13.93 29.46
CA VAL D 122 13.53 15.30 29.75
C VAL D 122 12.28 16.15 29.91
N SER D 123 11.11 15.56 29.69
CA SER D 123 9.92 16.42 29.60
C SER D 123 9.45 16.87 30.97
N PRO D 124 9.25 18.16 31.17
CA PRO D 124 8.63 18.64 32.42
C PRO D 124 7.09 18.56 32.40
N HIS D 125 6.49 17.99 31.34
CA HIS D 125 5.04 17.90 31.22
C HIS D 125 4.67 16.52 30.68
N PRO D 126 3.42 16.14 30.84
CA PRO D 126 2.87 14.93 30.19
C PRO D 126 3.20 15.01 28.68
N VAL D 127 3.50 13.85 28.13
CA VAL D 127 3.95 13.70 26.74
C VAL D 127 2.87 12.94 25.99
N TYR D 128 2.52 13.47 24.83
CA TYR D 128 1.55 12.89 23.92
C TYR D 128 2.22 12.36 22.68
N LEU D 129 1.81 11.17 22.31
CA LEU D 129 2.23 10.57 21.03
C LEU D 129 1.32 11.20 19.94
N TYR D 130 1.94 11.72 18.87
CA TYR D 130 1.17 12.10 17.68
C TYR D 130 1.48 11.00 16.67
N ASN D 131 0.55 10.10 16.44
CA ASN D 131 0.82 9.02 15.55
C ASN D 131 0.17 9.31 14.21
N TYR D 132 1.02 9.42 13.17
CA TYR D 132 0.52 9.78 11.86
C TYR D 132 1.25 8.98 10.77
N PRO D 133 0.90 7.71 10.60
CA PRO D 133 1.70 6.82 9.73
C PRO D 133 1.86 7.33 8.29
N THR D 134 0.79 7.87 7.70
CA THR D 134 0.89 8.33 6.31
C THR D 134 1.92 9.45 6.18
N ALA D 135 1.90 10.42 7.09
CA ALA D 135 2.83 11.53 7.01
C ALA D 135 4.27 11.11 7.40
N THR D 136 4.44 10.28 8.45
CA THR D 136 5.79 10.03 8.98
C THR D 136 6.42 8.80 8.39
N GLY D 137 5.63 7.92 7.79
CA GLY D 137 6.19 6.70 7.20
C GLY D 137 6.34 5.56 8.21
N LYS D 138 5.93 5.75 9.46
CA LYS D 138 5.92 4.65 10.41
C LYS D 138 4.78 4.74 11.37
N ASP D 139 4.46 3.59 11.97
CA ASP D 139 3.33 3.53 12.87
C ASP D 139 3.85 3.26 14.26
N ILE D 140 3.43 4.04 15.25
CA ILE D 140 3.68 3.70 16.64
C ILE D 140 2.34 3.20 17.25
N ASP D 141 2.05 1.91 17.11
CA ASP D 141 0.73 1.39 17.45
C ASP D 141 0.59 1.21 18.95
N ALA D 142 -0.55 0.70 19.38
CA ALA D 142 -0.89 0.56 20.79
C ALA D 142 0.17 -0.23 21.59
N LYS D 143 0.69 -1.27 20.97
CA LYS D 143 1.71 -2.13 21.58
C LYS D 143 3.06 -1.41 21.66
N VAL D 144 3.49 -0.68 20.62
CA VAL D 144 4.73 0.07 20.77
C VAL D 144 4.56 1.24 21.78
N ALA D 145 3.37 1.86 21.82
CA ALA D 145 3.04 2.92 22.80
C ALA D 145 3.15 2.33 24.22
N LYS D 146 2.65 1.12 24.39
CA LYS D 146 2.71 0.43 25.71
C LYS D 146 4.16 0.21 26.09
N GLU D 147 4.95 -0.26 25.14
CA GLU D 147 6.39 -0.50 25.37
C GLU D 147 7.12 0.77 25.79
N ILE D 148 6.88 1.88 25.07
CA ILE D 148 7.50 3.17 25.42
C ILE D 148 7.09 3.53 26.84
N GLY D 149 5.79 3.31 27.13
CA GLY D 149 5.27 3.34 28.49
C GLY D 149 5.13 4.69 29.20
N CYS D 150 5.53 5.77 28.59
CA CYS D 150 5.50 7.04 29.29
C CYS D 150 4.47 8.08 28.72
N PHE D 151 3.62 7.65 27.78
CA PHE D 151 2.66 8.59 27.13
C PHE D 151 1.44 8.84 28.02
N THR D 152 1.06 10.09 28.17
CA THR D 152 -0.21 10.40 28.81
C THR D 152 -1.36 10.28 27.83
N GLY D 153 -1.07 10.50 26.55
CA GLY D 153 -2.13 10.39 25.55
C GLY D 153 -1.58 10.23 24.15
N VAL D 154 -2.47 9.98 23.20
CA VAL D 154 -2.12 9.80 21.78
C VAL D 154 -3.21 10.52 20.98
N LYS D 155 -2.76 11.18 19.92
CA LYS D 155 -3.58 11.59 18.82
C LYS D 155 -3.26 10.58 17.65
N ASP D 156 -4.23 9.80 17.21
CA ASP D 156 -4.03 8.78 16.20
C ASP D 156 -4.70 9.29 14.94
N THR D 157 -3.89 9.68 13.96
CA THR D 157 -4.41 10.09 12.68
C THR D 157 -4.24 8.98 11.70
N ILE D 158 -5.31 8.25 11.44
CA ILE D 158 -5.18 7.05 10.63
C ILE D 158 -6.61 6.72 10.23
N GLU D 159 -6.77 6.13 9.06
CA GLU D 159 -8.07 5.70 8.59
C GLU D 159 -8.28 4.26 9.07
N ASN D 160 -8.48 4.08 10.38
CA ASN D 160 -8.67 2.73 10.96
C ASN D 160 -9.04 2.93 12.42
N ILE D 161 -10.32 3.00 12.75
CA ILE D 161 -10.67 3.26 14.16
C ILE D 161 -10.37 2.04 15.05
N ILE D 162 -10.26 0.86 14.48
CA ILE D 162 -9.80 -0.31 15.27
C ILE D 162 -8.45 -0.05 15.93
N HIS D 163 -7.52 0.49 15.12
CA HIS D 163 -6.17 0.82 15.56
C HIS D 163 -6.28 1.85 16.72
N THR D 164 -7.20 2.81 16.61
CA THR D 164 -7.33 3.84 17.64
C THR D 164 -7.86 3.23 18.94
N LEU D 165 -8.91 2.40 18.83
CA LEU D 165 -9.50 1.71 19.97
C LEU D 165 -8.48 0.86 20.65
N ASP D 166 -7.53 0.29 19.87
CA ASP D 166 -6.49 -0.56 20.50
C ASP D 166 -5.63 0.16 21.50
N TYR D 167 -5.39 1.46 21.32
CA TYR D 167 -4.67 2.22 22.37
C TYR D 167 -5.41 2.14 23.70
N LYS D 168 -6.71 2.31 23.67
CA LYS D 168 -7.52 2.20 24.90
C LYS D 168 -7.50 0.79 25.49
N ARG D 169 -7.58 -0.21 24.59
CA ARG D 169 -7.58 -1.61 25.00
C ARG D 169 -6.26 -1.98 25.67
N LEU D 170 -5.13 -1.59 25.07
CA LEU D 170 -3.84 -2.00 25.65
C LEU D 170 -3.36 -0.99 26.70
N ASN D 171 -3.92 0.22 26.72
CA ASN D 171 -3.47 1.26 27.65
C ASN D 171 -4.64 1.98 28.23
N PRO D 172 -5.37 1.33 29.16
CA PRO D 172 -6.66 1.84 29.67
C PRO D 172 -6.58 3.24 30.34
N ASN D 173 -5.42 3.70 30.77
CA ASN D 173 -5.40 5.02 31.38
C ASN D 173 -4.86 6.12 30.47
N MET D 174 -4.48 5.76 29.24
CA MET D 174 -4.14 6.74 28.26
C MET D 174 -5.36 7.59 27.78
N LEU D 175 -5.16 8.88 27.54
CA LEU D 175 -6.14 9.65 26.74
C LEU D 175 -6.01 9.31 25.25
N VAL D 176 -7.11 8.95 24.60
CA VAL D 176 -7.03 8.49 23.22
C VAL D 176 -7.88 9.35 22.33
N TYR D 177 -7.24 10.15 21.46
CA TYR D 177 -7.97 11.00 20.52
C TYR D 177 -7.79 10.55 19.08
N SER D 178 -8.81 10.80 18.28
CA SER D 178 -8.77 10.56 16.84
C SER D 178 -8.30 11.87 16.20
N GLY D 179 -7.38 11.79 15.23
CA GLY D 179 -7.04 12.94 14.42
C GLY D 179 -8.03 13.30 13.29
N SER D 180 -9.24 12.79 13.33
CA SER D 180 -10.16 12.95 12.22
C SER D 180 -11.35 13.90 12.54
N ASP D 181 -11.65 14.82 11.63
CA ASP D 181 -12.91 15.58 11.72
C ASP D 181 -14.16 14.72 11.45
N MET D 182 -14.01 13.69 10.63
CA MET D 182 -15.16 12.83 10.25
C MET D 182 -15.68 11.89 11.35
N LEU D 183 -14.91 11.80 12.43
CA LEU D 183 -15.21 10.82 13.50
C LEU D 183 -15.64 11.49 14.82
N ILE D 184 -16.02 12.78 14.79
CA ILE D 184 -16.45 13.39 16.08
C ILE D 184 -17.65 12.67 16.68
N ALA D 185 -18.70 12.48 15.88
CA ALA D 185 -19.86 11.80 16.39
C ALA D 185 -19.47 10.38 16.92
N THR D 186 -18.70 9.62 16.14
CA THR D 186 -18.41 8.23 16.41
C THR D 186 -17.55 8.12 17.67
N VAL D 187 -16.51 8.94 17.73
CA VAL D 187 -15.62 8.91 18.89
C VAL D 187 -16.36 9.20 20.17
N ALA D 188 -17.22 10.24 20.12
CA ALA D 188 -17.98 10.55 21.31
C ALA D 188 -18.95 9.41 21.64
N SER D 189 -19.47 8.70 20.64
N SER D 189 -19.49 8.69 20.65
CA SER D 189 -20.43 7.62 20.94
CA SER D 189 -20.44 7.61 21.03
C SER D 189 -19.74 6.36 21.46
C SER D 189 -19.74 6.33 21.47
N THR D 190 -18.46 6.18 21.13
CA THR D 190 -17.82 4.90 21.37
C THR D 190 -16.85 4.84 22.54
N GLY D 191 -16.84 5.88 23.38
CA GLY D 191 -16.03 5.88 24.60
C GLY D 191 -14.59 6.38 24.45
N LEU D 192 -14.27 7.01 23.32
CA LEU D 192 -12.92 7.51 23.09
C LEU D 192 -12.85 8.96 23.65
N ASP D 193 -11.65 9.56 23.71
CA ASP D 193 -11.52 10.78 24.52
C ASP D 193 -11.72 12.08 23.76
N GLY D 194 -11.85 12.02 22.44
CA GLY D 194 -12.09 13.25 21.68
C GLY D 194 -11.41 13.25 20.31
N ASN D 195 -11.35 14.43 19.68
CA ASN D 195 -10.85 14.61 18.31
C ASN D 195 -9.93 15.81 18.27
N VAL D 196 -8.77 15.65 17.63
CA VAL D 196 -7.89 16.78 17.37
C VAL D 196 -8.24 17.05 15.91
N ALA D 197 -9.08 18.06 15.70
CA ALA D 197 -9.84 18.17 14.43
C ALA D 197 -9.44 19.45 13.68
N ALA D 198 -8.74 19.30 12.55
CA ALA D 198 -8.30 20.40 11.73
C ALA D 198 -9.47 21.35 11.39
N GLY D 199 -10.64 20.77 11.06
CA GLY D 199 -11.81 21.54 10.69
C GLY D 199 -12.40 22.39 11.83
N SER D 200 -11.99 22.13 13.07
CA SER D 200 -12.39 22.98 14.19
C SER D 200 -11.70 24.36 14.09
N ASN D 201 -10.67 24.53 13.24
CA ASN D 201 -10.12 25.86 13.00
C ASN D 201 -11.15 26.82 12.40
N TYR D 202 -11.97 26.34 11.45
CA TYR D 202 -12.87 27.19 10.69
C TYR D 202 -14.36 26.97 11.03
N LEU D 203 -14.67 25.80 11.60
CA LEU D 203 -16.04 25.53 12.05
C LEU D 203 -16.01 24.98 13.50
N PRO D 204 -15.41 25.72 14.44
CA PRO D 204 -15.37 25.21 15.82
C PRO D 204 -16.77 24.97 16.33
N GLU D 205 -17.77 25.78 15.87
CA GLU D 205 -19.15 25.72 16.34
C GLU D 205 -19.74 24.35 16.04
N VAL D 206 -19.49 23.93 14.82
CA VAL D 206 -19.94 22.62 14.31
C VAL D 206 -19.33 21.48 15.10
N THR D 207 -18.02 21.46 15.25
CA THR D 207 -17.39 20.31 15.91
C THR D 207 -17.81 20.21 17.37
N VAL D 208 -17.96 21.34 18.06
CA VAL D 208 -18.46 21.30 19.41
C VAL D 208 -19.92 20.77 19.49
N THR D 209 -20.77 21.19 18.57
CA THR D 209 -22.16 20.77 18.56
C THR D 209 -22.28 19.30 18.22
N ILE D 210 -21.47 18.81 17.27
CA ILE D 210 -21.52 17.36 16.97
C ILE D 210 -21.23 16.62 18.26
N LYS D 211 -20.16 17.02 18.95
CA LYS D 211 -19.78 16.27 20.15
C LYS D 211 -20.91 16.35 21.21
N LYS D 212 -21.44 17.54 21.40
CA LYS D 212 -22.54 17.71 22.37
C LYS D 212 -23.77 16.84 22.01
N LEU D 213 -24.21 16.83 20.76
CA LEU D 213 -25.33 15.96 20.36
C LEU D 213 -25.07 14.47 20.66
N ALA D 214 -23.88 14.00 20.28
CA ALA D 214 -23.49 12.62 20.52
C ALA D 214 -23.46 12.29 22.01
N MET D 215 -23.01 13.22 22.84
N MET D 215 -23.04 13.24 22.85
CA MET D 215 -23.01 13.00 24.29
CA MET D 215 -23.02 12.99 24.29
C MET D 215 -24.43 12.90 24.85
C MET D 215 -24.41 12.98 24.93
N GLU D 216 -25.34 13.72 24.34
CA GLU D 216 -26.73 13.68 24.76
C GLU D 216 -27.43 12.39 24.20
N ARG D 217 -26.70 11.59 23.43
CA ARG D 217 -27.17 10.35 22.75
C ARG D 217 -28.21 10.61 21.66
N LYS D 218 -28.17 11.82 21.10
CA LYS D 218 -28.93 12.16 19.91
C LYS D 218 -28.12 11.78 18.68
N ILE D 219 -28.00 10.47 18.46
CA ILE D 219 -27.03 10.05 17.47
C ILE D 219 -27.50 10.41 16.09
N ASP D 220 -28.80 10.29 15.79
CA ASP D 220 -29.24 10.66 14.45
C ASP D 220 -28.93 12.10 14.12
N GLU D 221 -29.07 12.96 15.12
CA GLU D 221 -28.91 14.41 14.95
C GLU D 221 -27.40 14.70 14.82
N ALA D 222 -26.61 14.04 15.68
CA ALA D 222 -25.16 14.15 15.61
C ALA D 222 -24.66 13.71 14.23
N LEU D 223 -25.14 12.58 13.73
CA LEU D 223 -24.72 12.17 12.39
C LEU D 223 -25.13 13.13 11.30
N LYS D 224 -26.36 13.69 11.38
CA LYS D 224 -26.81 14.65 10.36
C LYS D 224 -25.83 15.83 10.25
N LEU D 225 -25.38 16.32 11.41
CA LEU D 225 -24.49 17.48 11.43
C LEU D 225 -23.05 17.02 11.07
N GLN D 226 -22.65 15.86 11.57
CA GLN D 226 -21.36 15.26 11.14
C GLN D 226 -21.24 15.12 9.62
N PHE D 227 -22.31 14.68 8.97
CA PHE D 227 -22.28 14.48 7.54
C PHE D 227 -22.20 15.80 6.80
N LEU D 228 -22.84 16.84 7.30
CA LEU D 228 -22.58 18.17 6.71
C LEU D 228 -21.17 18.66 6.93
N HIS D 229 -20.63 18.45 8.13
CA HIS D 229 -19.22 18.77 8.36
C HIS D 229 -18.32 17.97 7.38
N ASP D 230 -18.65 16.69 7.12
CA ASP D 230 -17.82 15.89 6.20
C ASP D 230 -17.72 16.54 4.81
N GLU D 231 -18.82 17.14 4.39
CA GLU D 231 -18.84 17.74 3.05
C GLU D 231 -17.90 18.91 3.02
N VAL D 232 -17.77 19.64 4.11
CA VAL D 232 -16.82 20.77 4.14
C VAL D 232 -15.39 20.22 4.15
N ILE D 233 -15.15 19.13 4.91
CA ILE D 233 -13.81 18.50 4.88
C ILE D 233 -13.45 18.08 3.43
N GLU D 234 -14.40 17.47 2.75
CA GLU D 234 -14.15 16.96 1.40
C GLU D 234 -13.87 18.09 0.42
N ALA D 235 -14.63 19.17 0.53
CA ALA D 235 -14.37 20.39 -0.28
C ALA D 235 -13.00 20.94 -0.01
N SER D 236 -12.59 21.02 1.26
CA SER D 236 -11.24 21.51 1.55
C SER D 236 -10.10 20.71 0.90
N ARG D 237 -10.37 19.43 0.68
CA ARG D 237 -9.34 18.58 0.10
C ARG D 237 -9.14 18.75 -1.40
N ILE D 238 -10.15 19.29 -2.09
CA ILE D 238 -10.05 19.45 -3.56
C ILE D 238 -8.81 20.17 -4.02
N PHE D 239 -8.45 21.31 -3.42
CA PHE D 239 -7.23 21.98 -3.82
C PHE D 239 -6.07 21.82 -2.87
N GLY D 240 -6.25 21.03 -1.80
CA GLY D 240 -5.20 20.88 -0.80
C GLY D 240 -5.74 21.42 0.53
N SER D 241 -5.97 20.53 1.50
CA SER D 241 -6.61 20.97 2.72
C SER D 241 -5.78 21.95 3.53
N LEU D 242 -4.47 21.76 3.59
CA LEU D 242 -3.66 22.60 4.43
C LEU D 242 -3.71 24.09 3.91
N SER D 243 -3.80 24.25 2.59
CA SER D 243 -3.99 25.59 1.99
C SER D 243 -5.42 26.08 2.14
N SER D 244 -6.36 25.18 1.92
CA SER D 244 -7.77 25.53 1.98
C SER D 244 -8.23 25.92 3.38
N ASN D 245 -7.57 25.38 4.43
CA ASN D 245 -7.98 25.68 5.80
C ASN D 245 -7.93 27.21 6.10
N TYR D 246 -6.96 27.91 5.49
CA TYR D 246 -6.82 29.37 5.63
C TYR D 246 -8.04 30.04 5.00
N VAL D 247 -8.38 29.65 3.79
CA VAL D 247 -9.55 30.25 3.08
C VAL D 247 -10.87 29.97 3.83
N LEU D 248 -11.08 28.73 4.28
CA LEU D 248 -12.31 28.42 5.06
C LEU D 248 -12.38 29.14 6.38
N THR D 249 -11.25 29.34 7.04
CA THR D 249 -11.29 30.09 8.28
C THR D 249 -11.76 31.52 8.00
N LYS D 250 -11.19 32.13 6.97
CA LYS D 250 -11.59 33.48 6.64
C LYS D 250 -13.09 33.47 6.35
N TYR D 251 -13.51 32.50 5.55
CA TYR D 251 -14.90 32.42 5.11
C TYR D 251 -15.92 32.27 6.25
N PHE D 252 -15.68 31.28 7.13
CA PHE D 252 -16.63 31.01 8.19
C PHE D 252 -16.47 31.88 9.42
N GLN D 253 -15.25 32.32 9.70
CA GLN D 253 -15.01 32.99 10.96
C GLN D 253 -14.81 34.53 10.77
N GLY D 254 -14.51 34.96 9.55
CA GLY D 254 -14.47 36.38 9.17
C GLY D 254 -13.20 37.18 9.44
N TYR D 255 -12.13 36.54 9.91
CA TYR D 255 -10.85 37.22 10.00
C TYR D 255 -9.90 36.43 9.13
N ASP D 256 -8.79 36.99 8.68
CA ASP D 256 -7.91 36.11 7.91
C ASP D 256 -6.73 35.63 8.73
N LEU D 257 -6.05 34.64 8.19
CA LEU D 257 -4.89 34.04 8.82
C LEU D 257 -3.72 34.08 7.85
N GLY D 258 -3.69 35.13 7.06
CA GLY D 258 -2.45 35.41 6.38
C GLY D 258 -2.25 34.34 5.31
N TYR D 259 -1.04 33.82 5.19
CA TYR D 259 -0.66 32.85 4.17
C TYR D 259 -0.08 31.59 4.86
N PRO D 260 -0.07 30.47 4.13
CA PRO D 260 0.70 29.28 4.50
C PRO D 260 2.17 29.50 4.13
N ARG D 261 3.04 28.54 4.39
CA ARG D 261 4.44 28.65 4.02
C ARG D 261 4.68 27.71 2.83
N PRO D 262 5.02 28.27 1.64
CA PRO D 262 5.44 27.44 0.48
C PRO D 262 6.54 26.45 0.85
N PRO D 263 6.51 25.17 0.42
CA PRO D 263 5.64 24.64 -0.64
C PRO D 263 4.20 24.31 -0.32
N ILE D 264 3.68 24.77 0.81
CA ILE D 264 2.24 24.77 0.94
C ILE D 264 1.77 26.12 0.36
N PHE D 265 1.37 26.11 -0.91
CA PHE D 265 1.06 27.37 -1.63
C PHE D 265 -0.35 27.81 -1.32
N PRO D 266 -0.64 29.12 -1.25
CA PRO D 266 -2.02 29.57 -1.01
C PRO D 266 -2.91 29.25 -2.19
N LEU D 267 -4.22 29.14 -1.96
CA LEU D 267 -5.10 28.95 -3.08
C LEU D 267 -5.08 30.23 -3.93
N ASP D 268 -5.26 30.08 -5.24
CA ASP D 268 -5.38 31.30 -6.03
C ASP D 268 -6.85 31.66 -6.18
N ASP D 269 -7.07 32.79 -6.83
CA ASP D 269 -8.42 33.32 -6.95
C ASP D 269 -9.42 32.31 -7.48
N GLU D 270 -9.11 31.67 -8.59
CA GLU D 270 -10.02 30.68 -9.18
C GLU D 270 -10.33 29.52 -8.19
N GLU D 271 -9.30 29.04 -7.49
CA GLU D 271 -9.50 27.94 -6.55
C GLU D 271 -10.37 28.39 -5.42
N GLU D 272 -10.06 29.57 -4.92
CA GLU D 272 -10.85 30.14 -3.87
C GLU D 272 -12.36 30.24 -4.23
N ARG D 273 -12.68 30.74 -5.43
CA ARG D 273 -14.06 30.86 -5.89
C ARG D 273 -14.74 29.52 -5.91
N GLN D 274 -14.04 28.54 -6.48
CA GLN D 274 -14.59 27.20 -6.57
C GLN D 274 -14.80 26.57 -5.20
N LEU D 275 -13.88 26.81 -4.25
CA LEU D 275 -14.02 26.25 -2.90
C LEU D 275 -15.26 26.85 -2.25
N ILE D 276 -15.44 28.16 -2.43
CA ILE D 276 -16.57 28.84 -1.81
C ILE D 276 -17.91 28.37 -2.41
N LYS D 277 -17.98 28.18 -3.72
CA LYS D 277 -19.22 27.65 -4.29
C LYS D 277 -19.51 26.22 -3.72
N LYS D 278 -18.47 25.43 -3.41
CA LYS D 278 -18.72 24.10 -2.85
C LYS D 278 -19.28 24.15 -1.45
N VAL D 279 -19.00 25.22 -0.69
CA VAL D 279 -19.47 25.28 0.72
C VAL D 279 -20.54 26.35 1.10
N GLU D 280 -20.85 27.28 0.18
CA GLU D 280 -21.78 28.36 0.55
C GLU D 280 -23.20 27.84 0.92
N GLY D 281 -23.68 26.77 0.27
CA GLY D 281 -24.96 26.17 0.58
C GLY D 281 -24.88 25.44 1.94
N ILE D 282 -23.74 24.82 2.25
CA ILE D 282 -23.53 24.37 3.62
C ILE D 282 -23.57 25.51 4.62
N ARG D 283 -22.89 26.61 4.31
N ARG D 283 -22.87 26.60 4.36
CA ARG D 283 -22.90 27.79 5.16
CA ARG D 283 -22.97 27.72 5.29
C ARG D 283 -24.32 28.36 5.42
C ARG D 283 -24.46 28.07 5.51
N ALA D 284 -25.19 28.24 4.41
CA ALA D 284 -26.64 28.58 4.51
C ALA D 284 -27.41 27.62 5.44
N LYS D 285 -27.23 26.30 5.30
CA LYS D 285 -27.92 25.36 6.17
C LYS D 285 -27.56 25.56 7.64
N LEU D 286 -26.28 25.87 7.89
CA LEU D 286 -25.73 26.06 9.24
C LEU D 286 -26.27 27.31 9.93
N VAL D 287 -26.40 28.38 9.17
CA VAL D 287 -27.12 29.58 9.64
C VAL D 287 -28.57 29.23 9.92
N GLU D 288 -29.20 28.48 9.01
CA GLU D 288 -30.60 28.09 9.19
C GLU D 288 -30.82 27.27 10.47
N LEU D 289 -29.83 26.43 10.83
CA LEU D 289 -29.87 25.58 12.02
C LEU D 289 -29.41 26.34 13.25
N LYS D 290 -29.04 27.59 13.02
CA LYS D 290 -28.59 28.44 14.09
C LYS D 290 -27.28 27.94 14.71
N ILE D 291 -26.43 27.30 13.92
CA ILE D 291 -25.12 26.92 14.42
C ILE D 291 -24.14 28.08 14.20
N LEU D 292 -24.22 28.73 13.04
CA LEU D 292 -23.51 29.96 12.74
C LEU D 292 -24.44 31.15 12.86
N LYS D 293 -23.95 32.24 13.43
CA LYS D 293 -24.67 33.54 13.46
C LYS D 293 -24.96 34.03 12.03
N GLU D 294 -23.94 33.94 11.19
CA GLU D 294 -24.04 34.20 9.74
C GLU D 294 -22.62 34.30 9.13
O2 RSH E . 20.96 9.00 -0.04
C1 RSH E . 20.36 9.39 -1.07
O1 RSH E . 19.70 10.46 -1.08
C2 RSH E . 20.44 8.55 -2.29
C3 RSH E . 19.73 7.20 -2.32
C4 RSH E . 18.55 7.09 -1.31
O4 RSH E . 17.33 7.23 -2.04
C5 RSH E . 18.60 5.78 -0.42
O5 RSH E . 17.33 5.12 -0.23
C6 RSH E . 19.05 6.07 1.04
O6 RSH E . 20.06 5.15 1.52
C PYR F . 20.69 9.07 -1.27
O PYR F . 21.06 8.54 -0.18
OXT PYR F . 20.55 10.31 -1.43
CA PYR F . 20.42 8.21 -2.45
CB PYR F . 20.87 6.76 -2.38
C3 3GR G . 18.83 5.92 -1.33
O3 3GR G . 18.09 6.87 -1.74
C2 3GR G . 18.80 5.05 -0.05
O2 3GR G . 17.51 4.47 0.18
C1 3GR G . 19.14 5.76 1.31
O1 3GR G . 20.32 5.31 2.06
C1 GOL H . 17.19 3.95 12.19
O1 GOL H . 16.98 2.52 12.55
C2 GOL H . 18.01 4.09 10.87
O2 GOL H . 19.41 3.60 11.00
C3 GOL H . 17.26 3.54 9.60
O3 GOL H . 18.10 3.38 8.41
O2 RSH I . -16.71 -14.05 6.21
C1 RSH I . -17.50 -13.19 5.58
O1 RSH I . -18.19 -13.49 4.57
C2 RSH I . -17.72 -11.74 5.96
C3 RSH I . -16.56 -11.12 6.75
C4 RSH I . -15.27 -10.94 5.89
O4 RSH I . -15.35 -9.76 5.09
C5 RSH I . -13.92 -10.92 6.70
O5 RSH I . -13.06 -9.80 6.50
C6 RSH I . -13.02 -12.06 6.17
O6 RSH I . -11.80 -11.92 6.95
C PYR J . -17.64 -13.03 5.69
O PYR J . -16.72 -13.92 6.14
OXT PYR J . -18.31 -13.23 4.66
CA PYR J . -18.00 -11.70 6.31
CB PYR J . -17.47 -11.18 7.62
C3 3GR K . -15.17 -10.37 6.50
O3 3GR K . -15.43 -10.32 5.29
C2 3GR K . -14.11 -11.24 7.16
O2 3GR K . -13.97 -10.75 8.51
C1 3GR K . -12.72 -11.16 6.48
O1 3GR K . -12.00 -12.43 6.42
C1 GOL L . -4.86 -19.89 5.79
O1 GOL L . -3.70 -19.64 6.66
C2 GOL L . -6.24 -19.48 6.42
O2 GOL L . -6.67 -20.35 7.56
C3 GOL L . -6.28 -17.92 6.55
O3 GOL L . -7.41 -17.35 7.24
O2 RSH M . -0.97 -13.50 -18.52
C1 RSH M . -0.22 -14.14 -17.72
O1 RSH M . -0.74 -15.11 -17.22
C2 RSH M . 1.20 -13.85 -17.34
C3 RSH M . 1.40 -12.34 -17.29
C4 RSH M . 0.35 -11.74 -16.31
O4 RSH M . 0.91 -11.70 -14.98
C5 RSH M . -0.29 -10.36 -16.72
O5 RSH M . -0.42 -9.46 -15.60
C6 RSH M . -1.76 -10.50 -17.25
O6 RSH M . -2.02 -9.85 -18.54
C PYR N . -0.17 -14.29 -17.48
O PYR N . -0.96 -13.50 -18.03
OXT PYR N . -0.49 -15.39 -17.02
CA PYR N . 1.23 -13.97 -17.38
CB PYR N . 1.72 -12.61 -17.83
C3 3GR O . 0.60 -11.09 -16.49
O3 3GR O . 0.84 -11.69 -15.42
C2 3GR O . -0.07 -9.74 -16.78
O2 3GR O . 0.18 -8.76 -15.74
C1 3GR O . -1.62 -9.83 -16.99
O1 3GR O . -2.09 -9.73 -18.37
C1 GOL P . -11.67 -4.64 -16.89
O1 GOL P . -11.60 -3.15 -16.98
C2 GOL P . -10.50 -5.49 -17.54
O2 GOL P . -10.45 -5.53 -19.05
C3 GOL P . -9.14 -5.42 -16.74
O3 GOL P . -7.92 -5.69 -17.50
O2 RSH Q . -3.07 18.68 12.20
C1 RSH Q . -2.73 18.04 13.25
O1 RSH Q . -1.71 18.40 13.87
C2 RSH Q . -3.52 16.86 13.69
C3 RSH Q . -4.42 16.36 12.55
C4 RSH Q . -3.61 15.78 11.34
O4 RSH Q . -3.14 14.46 11.66
C5 RSH Q . -4.32 15.70 9.92
O5 RSH Q . -4.57 14.38 9.41
C6 RSH Q . -3.41 16.25 8.81
O6 RSH Q . -4.24 16.66 7.70
C PYR R . -2.55 18.19 13.37
O PYR R . -2.95 18.90 12.41
OXT PYR R . -1.42 18.26 13.88
CA PYR R . -3.37 17.08 13.85
CB PYR R . -4.82 16.90 13.30
C3 3GR S . -4.08 15.66 11.32
O3 3GR S . -3.19 14.90 11.69
C2 3GR S . -4.56 15.94 9.90
O2 3GR S . -5.76 15.17 9.67
C1 3GR S . -3.45 15.60 8.86
O1 3GR S . -3.55 16.21 7.54
C1 GOL T . -1.68 19.89 0.81
O1 GOL T . -2.75 19.83 1.78
C2 GOL T . -1.44 21.24 0.01
O2 GOL T . -2.20 22.42 0.45
C3 GOL T . 0.10 21.35 -0.29
O3 GOL T . 0.67 22.15 -1.37
#